data_5JCU
#
_entry.id   5JCU
#
_cell.length_a   100.335
_cell.length_b   92.666
_cell.length_c   104.051
_cell.angle_alpha   90.00
_cell.angle_beta   92.18
_cell.angle_gamma   90.00
#
_symmetry.space_group_name_H-M   'C 1 2 1'
#
loop_
_entity.id
_entity.type
_entity.pdbx_description
1 polymer 'Glutathione S-transferase A1'
2 non-polymer L-gamma-glutamyl-S-[(2-phenylethyl)carbamothioyl]-L-cysteinylglycine
3 non-polymer 1,2-ETHANEDIOL
4 water water
#
_entity_poly.entity_id   1
_entity_poly.type   'polypeptide(L)'
_entity_poly.pdbx_seq_one_letter_code
;AEKPKLHYFNARGRMESTRWLLAAAGVEFEEKFIKSAEDLDKLRNDGYLMFQQVPMVEIDGMKLVQTRAILNYIASKYNL
YGKDIKERALIDMYIEGIADLGEMILLLPV(6M6)PPEEKDAKLALIKEKIKNRYFPAFEKVLKSHGQDYLVGNKLSRAD
IHLVELLYYVEELDSSLISSFPLLKALKTRISNLPTVKKFLQPGSPRKPPMDEKSLEEARKIFRF
;
_entity_poly.pdbx_strand_id   A,B,C,D
#
# COMPACT_ATOMS: atom_id res chain seq x y z
N ALA A 1 11.53 -50.07 -17.63
CA ALA A 1 11.81 -48.83 -18.35
C ALA A 1 12.58 -47.83 -17.48
N GLU A 2 12.25 -46.55 -17.64
CA GLU A 2 13.01 -45.48 -17.01
C GLU A 2 12.39 -44.95 -15.70
N LYS A 3 13.18 -44.97 -14.64
CA LYS A 3 12.77 -44.41 -13.35
C LYS A 3 12.50 -42.90 -13.48
N PRO A 4 11.54 -42.38 -12.70
CA PRO A 4 11.40 -40.93 -12.60
C PRO A 4 12.67 -40.29 -12.05
N LYS A 5 13.05 -39.11 -12.52
CA LYS A 5 14.19 -38.40 -11.89
C LYS A 5 13.74 -37.09 -11.27
N LEU A 6 14.10 -36.91 -10.00
CA LEU A 6 13.69 -35.71 -9.24
C LEU A 6 14.83 -34.70 -9.21
N HIS A 7 14.55 -33.54 -9.78
CA HIS A 7 15.50 -32.43 -9.76
C HIS A 7 15.14 -31.43 -8.66
N TYR A 8 16.02 -31.32 -7.68
CA TYR A 8 15.81 -30.47 -6.51
C TYR A 8 17.16 -30.33 -5.82
N PHE A 9 17.26 -29.52 -4.78
CA PHE A 9 18.46 -29.61 -3.95
C PHE A 9 18.26 -30.62 -2.83
N ASN A 10 19.33 -30.89 -2.10
CA ASN A 10 19.27 -31.98 -1.14
C ASN A 10 18.63 -31.54 0.16
N ALA A 11 17.30 -31.46 0.14
CA ALA A 11 16.51 -31.04 1.29
C ALA A 11 15.06 -31.43 1.06
N ARG A 12 14.25 -31.32 2.09
CA ARG A 12 12.81 -31.59 1.98
C ARG A 12 12.16 -30.61 1.03
N GLY A 13 12.08 -29.36 1.47
CA GLY A 13 11.52 -28.29 0.65
C GLY A 13 10.26 -28.70 -0.08
N ARG A 14 10.17 -28.26 -1.34
CA ARG A 14 8.96 -28.46 -2.11
C ARG A 14 8.91 -29.80 -2.84
N MET A 15 9.96 -30.60 -2.69
CA MET A 15 10.02 -31.89 -3.36
C MET A 15 9.66 -33.10 -2.46
N GLU A 16 9.62 -32.89 -1.15
CA GLU A 16 9.45 -34.00 -0.20
C GLU A 16 8.08 -34.67 -0.30
N SER A 17 7.03 -33.94 -0.66
CA SER A 17 5.74 -34.59 -0.73
C SER A 17 5.70 -35.52 -1.96
N THR A 18 6.46 -35.17 -3.00
CA THR A 18 6.61 -36.02 -4.16
C THR A 18 7.36 -37.31 -3.78
N ARG A 19 8.42 -37.16 -3.01
CA ARG A 19 9.21 -38.31 -2.54
C ARG A 19 8.31 -39.27 -1.76
N TRP A 20 7.50 -38.72 -0.86
CA TRP A 20 6.54 -39.53 -0.08
C TRP A 20 5.56 -40.27 -0.99
N LEU A 21 4.97 -39.54 -1.93
CA LEU A 21 3.95 -40.11 -2.80
C LEU A 21 4.49 -41.24 -3.68
N LEU A 22 5.64 -41.01 -4.30
CA LEU A 22 6.27 -42.04 -5.15
C LEU A 22 6.63 -43.27 -4.31
N ALA A 23 7.22 -43.01 -3.15
CA ALA A 23 7.66 -44.10 -2.30
C ALA A 23 6.46 -44.91 -1.84
N ALA A 24 5.37 -44.23 -1.48
CA ALA A 24 4.18 -44.91 -1.00
C ALA A 24 3.57 -45.78 -2.12
N ALA A 25 3.70 -45.31 -3.35
CA ALA A 25 3.18 -46.03 -4.50
C ALA A 25 4.10 -47.18 -4.92
N GLY A 26 5.23 -47.34 -4.23
CA GLY A 26 6.15 -48.42 -4.53
C GLY A 26 7.03 -48.13 -5.73
N VAL A 27 7.06 -46.86 -6.15
CA VAL A 27 7.82 -46.47 -7.33
C VAL A 27 9.25 -46.09 -6.99
N GLU A 28 10.21 -46.75 -7.63
CA GLU A 28 11.60 -46.41 -7.43
C GLU A 28 11.95 -45.18 -8.27
N PHE A 29 12.76 -44.28 -7.73
CA PHE A 29 13.09 -43.06 -8.46
C PHE A 29 14.53 -42.68 -8.21
N GLU A 30 15.05 -41.80 -9.07
CA GLU A 30 16.39 -41.26 -8.91
C GLU A 30 16.33 -39.75 -8.63
N GLU A 31 17.35 -39.25 -7.97
CA GLU A 31 17.43 -37.82 -7.68
C GLU A 31 18.71 -37.26 -8.26
N LYS A 32 18.60 -36.12 -8.94
CA LYS A 32 19.80 -35.38 -9.35
C LYS A 32 19.81 -34.08 -8.57
N PHE A 33 20.68 -34.00 -7.57
CA PHE A 33 20.72 -32.86 -6.67
C PHE A 33 21.39 -31.64 -7.28
N ILE A 34 20.73 -30.50 -7.11
CA ILE A 34 21.28 -29.20 -7.46
C ILE A 34 22.12 -28.71 -6.30
N LYS A 35 23.37 -28.36 -6.57
CA LYS A 35 24.30 -28.01 -5.49
C LYS A 35 24.75 -26.55 -5.55
N SER A 36 24.44 -25.89 -6.67
CA SER A 36 24.93 -24.54 -6.94
C SER A 36 23.96 -23.79 -7.84
N ALA A 37 24.05 -22.46 -7.87
CA ALA A 37 23.28 -21.69 -8.83
C ALA A 37 23.62 -22.13 -10.25
N GLU A 38 24.85 -22.60 -10.43
CA GLU A 38 25.33 -22.99 -11.75
C GLU A 38 24.63 -24.24 -12.26
N ASP A 39 24.34 -25.17 -11.35
CA ASP A 39 23.55 -26.35 -11.71
C ASP A 39 22.16 -25.91 -12.15
N LEU A 40 21.55 -25.02 -11.38
CA LEU A 40 20.23 -24.50 -11.74
C LEU A 40 20.27 -23.84 -13.12
N ASP A 41 21.30 -23.02 -13.36
CA ASP A 41 21.36 -22.30 -14.63
C ASP A 41 21.48 -23.25 -15.83
N LYS A 42 22.09 -24.40 -15.61
CA LYS A 42 22.22 -25.41 -16.65
C LYS A 42 20.85 -25.99 -17.02
N LEU A 43 20.07 -26.38 -16.01
CA LEU A 43 18.71 -26.87 -16.25
C LEU A 43 17.90 -25.81 -16.99
N ARG A 44 18.07 -24.56 -16.58
CA ARG A 44 17.40 -23.44 -17.24
C ARG A 44 17.78 -23.33 -18.72
N ASN A 45 19.09 -23.20 -18.98
CA ASN A 45 19.61 -23.04 -20.33
C ASN A 45 19.28 -24.24 -21.21
N ASP A 46 19.29 -25.43 -20.58
CA ASP A 46 18.99 -26.67 -21.26
C ASP A 46 17.54 -26.70 -21.71
N GLY A 47 16.73 -25.79 -21.15
CA GLY A 47 15.32 -25.70 -21.52
C GLY A 47 14.41 -26.64 -20.73
N TYR A 48 14.89 -27.13 -19.60
CA TYR A 48 14.19 -28.16 -18.84
C TYR A 48 13.09 -27.61 -17.91
N LEU A 49 13.08 -26.30 -17.69
CA LEU A 49 12.26 -25.69 -16.65
C LEU A 49 11.29 -24.65 -17.22
N MET A 50 10.02 -25.01 -17.34
CA MET A 50 9.09 -24.12 -18.04
C MET A 50 9.03 -22.72 -17.42
N PHE A 51 9.17 -22.63 -16.09
CA PHE A 51 9.10 -21.34 -15.44
C PHE A 51 10.42 -21.01 -14.75
N GLN A 52 11.47 -21.71 -15.19
CA GLN A 52 12.84 -21.48 -14.72
C GLN A 52 13.00 -21.85 -13.25
N GLN A 53 12.09 -22.69 -12.76
CA GLN A 53 12.12 -23.16 -11.38
C GLN A 53 12.13 -24.69 -11.24
N VAL A 54 12.61 -25.16 -10.10
CA VAL A 54 12.28 -26.51 -9.64
C VAL A 54 11.36 -26.42 -8.41
N PRO A 55 10.77 -27.55 -7.96
CA PRO A 55 10.82 -28.96 -8.41
C PRO A 55 10.65 -29.19 -9.89
N MET A 56 11.45 -30.08 -10.46
CA MET A 56 11.20 -30.60 -11.79
C MET A 56 11.28 -32.12 -11.70
N VAL A 57 10.32 -32.81 -12.31
CA VAL A 57 10.41 -34.28 -12.39
C VAL A 57 10.34 -34.73 -13.86
N GLU A 58 11.36 -35.47 -14.27
CA GLU A 58 11.34 -36.19 -15.55
C GLU A 58 10.57 -37.48 -15.44
N ILE A 59 9.44 -37.57 -16.14
CA ILE A 59 8.59 -38.72 -16.00
C ILE A 59 7.75 -38.91 -17.24
N ASP A 60 7.76 -40.13 -17.76
CA ASP A 60 7.00 -40.51 -18.95
C ASP A 60 7.15 -39.52 -20.09
N GLY A 61 8.38 -39.10 -20.38
CA GLY A 61 8.66 -38.20 -21.48
C GLY A 61 8.35 -36.72 -21.27
N MET A 62 7.89 -36.37 -20.07
CA MET A 62 7.58 -34.98 -19.72
C MET A 62 8.64 -34.43 -18.77
N LYS A 63 8.92 -33.13 -18.87
CA LYS A 63 9.70 -32.46 -17.83
C LYS A 63 8.67 -31.64 -17.04
N LEU A 64 8.22 -32.20 -15.94
CA LEU A 64 7.10 -31.64 -15.21
C LEU A 64 7.58 -30.68 -14.14
N VAL A 65 7.16 -29.42 -14.23
CA VAL A 65 7.40 -28.49 -13.14
C VAL A 65 6.07 -28.17 -12.47
N GLN A 66 6.15 -27.53 -11.31
CA GLN A 66 5.01 -27.15 -10.47
C GLN A 66 4.60 -28.32 -9.59
N THR A 67 4.88 -28.20 -8.30
CA THR A 67 4.59 -29.22 -7.29
C THR A 67 3.26 -29.91 -7.55
N ARG A 68 2.18 -29.14 -7.74
CA ARG A 68 0.85 -29.73 -7.88
C ARG A 68 0.65 -30.48 -9.20
N ALA A 69 1.30 -30.00 -10.27
CA ALA A 69 1.25 -30.68 -11.56
C ALA A 69 1.91 -32.05 -11.45
N ILE A 70 3.06 -32.08 -10.80
CA ILE A 70 3.79 -33.29 -10.55
C ILE A 70 2.94 -34.30 -9.76
N LEU A 71 2.52 -33.87 -8.56
CA LEU A 71 1.73 -34.72 -7.65
C LEU A 71 0.43 -35.22 -8.27
N ASN A 72 -0.29 -34.34 -8.97
CA ASN A 72 -1.53 -34.69 -9.65
C ASN A 72 -1.33 -35.84 -10.65
N TYR A 73 -0.28 -35.71 -11.44
CA TYR A 73 0.03 -36.70 -12.45
C TYR A 73 0.36 -38.04 -11.82
N ILE A 74 1.26 -38.01 -10.83
CA ILE A 74 1.67 -39.22 -10.13
C ILE A 74 0.48 -39.86 -9.43
N ALA A 75 -0.33 -39.05 -8.76
CA ALA A 75 -1.49 -39.57 -8.05
C ALA A 75 -2.45 -40.30 -9.02
N SER A 76 -2.73 -39.70 -10.17
CA SER A 76 -3.61 -40.34 -11.15
C SER A 76 -2.95 -41.60 -11.67
N LYS A 77 -1.69 -41.50 -12.05
CA LYS A 77 -1.00 -42.62 -12.67
C LYS A 77 -1.05 -43.89 -11.82
N TYR A 78 -0.80 -43.76 -10.51
CA TYR A 78 -0.79 -44.94 -9.63
C TYR A 78 -2.08 -45.10 -8.83
N ASN A 79 -3.18 -44.62 -9.40
CA ASN A 79 -4.52 -44.86 -8.84
C ASN A 79 -4.68 -44.44 -7.38
N LEU A 80 -4.11 -43.28 -7.04
CA LEU A 80 -4.21 -42.74 -5.70
C LEU A 80 -4.98 -41.42 -5.70
N TYR A 81 -5.79 -41.21 -6.74
CA TYR A 81 -6.53 -39.95 -6.89
C TYR A 81 -8.04 -40.18 -6.93
N GLY A 82 -8.50 -41.24 -6.27
CA GLY A 82 -9.93 -41.51 -6.18
C GLY A 82 -10.44 -42.23 -7.41
N LYS A 83 -11.69 -42.68 -7.40
CA LYS A 83 -12.21 -43.41 -8.55
C LYS A 83 -13.14 -42.60 -9.46
N ASP A 84 -13.60 -41.44 -9.00
CA ASP A 84 -14.46 -40.55 -9.80
C ASP A 84 -14.22 -39.07 -9.41
N ILE A 85 -14.74 -38.11 -10.19
CA ILE A 85 -14.40 -36.72 -9.89
CA ILE A 85 -14.47 -36.70 -9.93
C ILE A 85 -15.01 -36.25 -8.56
N LYS A 86 -16.03 -36.93 -8.07
CA LYS A 86 -16.56 -36.55 -6.77
C LYS A 86 -15.57 -36.90 -5.65
N GLU A 87 -14.99 -38.09 -5.74
CA GLU A 87 -13.93 -38.45 -4.81
C GLU A 87 -12.68 -37.56 -5.00
N ARG A 88 -12.38 -37.18 -6.23
CA ARG A 88 -11.24 -36.29 -6.47
CA ARG A 88 -11.26 -36.26 -6.50
C ARG A 88 -11.52 -34.92 -5.84
N ALA A 89 -12.78 -34.51 -5.82
CA ALA A 89 -13.16 -33.23 -5.22
C ALA A 89 -12.89 -33.25 -3.73
N LEU A 90 -13.27 -34.33 -3.06
CA LEU A 90 -13.01 -34.46 -1.64
C LEU A 90 -11.49 -34.49 -1.36
N ILE A 91 -10.79 -35.27 -2.16
CA ILE A 91 -9.33 -35.40 -2.05
C ILE A 91 -8.66 -34.05 -2.22
N ASP A 92 -9.08 -33.32 -3.25
CA ASP A 92 -8.56 -32.00 -3.57
C ASP A 92 -8.82 -31.04 -2.42
N MET A 93 -10.03 -31.08 -1.91
CA MET A 93 -10.38 -30.20 -0.81
C MET A 93 -9.50 -30.52 0.38
N TYR A 94 -9.38 -31.80 0.71
CA TYR A 94 -8.54 -32.20 1.85
C TYR A 94 -7.08 -31.81 1.64
N ILE A 95 -6.54 -32.08 0.46
CA ILE A 95 -5.10 -31.90 0.34
C ILE A 95 -4.74 -30.43 0.15
N GLU A 96 -5.69 -29.62 -0.27
CA GLU A 96 -5.41 -28.20 -0.40
C GLU A 96 -5.39 -27.54 0.98
N GLY A 97 -6.16 -28.07 1.92
CA GLY A 97 -6.07 -27.66 3.31
C GLY A 97 -4.73 -28.09 3.90
N ILE A 98 -4.32 -29.33 3.60
CA ILE A 98 -3.00 -29.80 3.99
C ILE A 98 -1.91 -28.92 3.39
N ALA A 99 -2.04 -28.54 2.11
CA ALA A 99 -1.06 -27.65 1.47
C ALA A 99 -0.96 -26.33 2.24
N ASP A 100 -2.11 -25.76 2.62
CA ASP A 100 -2.12 -24.46 3.27
C ASP A 100 -1.34 -24.51 4.58
N LEU A 101 -1.55 -25.57 5.34
CA LEU A 101 -0.83 -25.74 6.60
C LEU A 101 0.65 -26.06 6.35
N GLY A 102 0.91 -26.93 5.38
CA GLY A 102 2.27 -27.31 5.07
C GLY A 102 3.07 -26.10 4.65
N GLU A 103 2.45 -25.21 3.89
CA GLU A 103 3.15 -24.01 3.41
C GLU A 103 3.59 -23.12 4.59
N MET A 104 2.73 -22.97 5.59
CA MET A 104 3.05 -22.17 6.78
C MET A 104 4.28 -22.75 7.48
N ILE A 105 4.28 -24.08 7.62
CA ILE A 105 5.36 -24.77 8.30
C ILE A 105 6.65 -24.76 7.48
N LEU A 106 6.53 -24.97 6.18
CA LEU A 106 7.67 -24.91 5.27
C LEU A 106 8.46 -23.61 5.38
N LEU A 107 7.74 -22.49 5.44
CA LEU A 107 8.35 -21.16 5.34
C LEU A 107 8.70 -20.56 6.71
N LEU A 108 8.32 -21.24 7.77
CA LEU A 108 8.62 -20.80 9.14
C LEU A 108 10.09 -20.37 9.34
N PRO A 109 11.03 -21.23 8.93
CA PRO A 109 12.48 -20.94 9.07
C PRO A 109 12.92 -19.62 8.42
N VAL A 110 12.21 -19.13 7.41
CA VAL A 110 12.61 -17.88 6.78
C VAL A 110 11.82 -16.69 7.29
N PRO A 112 11.47 -13.56 9.71
CA PRO A 112 12.41 -12.74 10.48
C PRO A 112 12.33 -13.10 11.96
N PRO A 113 13.44 -12.96 12.69
CA PRO A 113 13.53 -13.45 14.08
C PRO A 113 12.44 -12.87 14.99
N GLU A 114 11.97 -11.66 14.68
CA GLU A 114 10.98 -10.99 15.52
C GLU A 114 9.54 -11.35 15.12
N GLU A 115 9.41 -12.28 14.17
CA GLU A 115 8.11 -12.77 13.73
C GLU A 115 7.97 -14.26 13.99
N LYS A 116 9.11 -14.92 14.20
CA LYS A 116 9.19 -16.36 14.36
C LYS A 116 8.21 -16.93 15.40
N ASP A 117 8.16 -16.33 16.58
CA ASP A 117 7.37 -16.86 17.69
C ASP A 117 5.87 -16.64 17.48
N ALA A 118 5.52 -15.42 17.07
CA ALA A 118 4.13 -15.09 16.73
C ALA A 118 3.59 -16.02 15.62
N LYS A 119 4.40 -16.22 14.60
CA LYS A 119 4.01 -17.05 13.46
C LYS A 119 3.87 -18.51 13.89
N LEU A 120 4.85 -19.02 14.64
CA LEU A 120 4.76 -20.36 15.21
C LEU A 120 3.49 -20.57 16.03
N ALA A 121 3.12 -19.55 16.81
CA ALA A 121 1.97 -19.64 17.69
C ALA A 121 0.66 -19.73 16.91
N LEU A 122 0.56 -18.91 15.87
CA LEU A 122 -0.57 -18.93 14.95
C LEU A 122 -0.77 -20.32 14.36
N ILE A 123 0.32 -20.88 13.84
CA ILE A 123 0.36 -22.22 13.28
C ILE A 123 -0.17 -23.28 14.25
N LYS A 124 0.34 -23.25 15.48
CA LYS A 124 -0.10 -24.19 16.50
C LYS A 124 -1.59 -24.02 16.77
N GLU A 125 -2.06 -22.79 16.81
CA GLU A 125 -3.48 -22.51 17.00
C GLU A 125 -4.35 -23.07 15.87
N LYS A 126 -3.89 -22.87 14.63
CA LYS A 126 -4.65 -23.34 13.49
C LYS A 126 -4.64 -24.88 13.44
N ILE A 127 -3.52 -25.49 13.82
CA ILE A 127 -3.44 -26.96 13.88
C ILE A 127 -4.50 -27.48 14.88
N LYS A 128 -4.45 -26.94 16.09
CA LYS A 128 -5.34 -27.32 17.17
C LYS A 128 -6.82 -27.04 16.87
N ASN A 129 -7.14 -25.88 16.30
CA ASN A 129 -8.54 -25.46 16.22
C ASN A 129 -9.19 -25.46 14.84
N ARG A 130 -8.40 -25.59 13.78
CA ARG A 130 -8.98 -25.59 12.43
C ARG A 130 -8.66 -26.88 11.66
N TYR A 131 -7.38 -27.22 11.53
CA TYR A 131 -6.99 -28.32 10.64
C TYR A 131 -7.18 -29.71 11.25
N PHE A 132 -6.63 -29.96 12.44
CA PHE A 132 -6.77 -31.30 12.99
C PHE A 132 -8.22 -31.63 13.23
N PRO A 133 -9.00 -30.67 13.78
CA PRO A 133 -10.44 -30.89 13.90
C PRO A 133 -11.10 -31.28 12.59
N ALA A 134 -10.74 -30.66 11.47
CA ALA A 134 -11.36 -30.99 10.20
C ALA A 134 -11.05 -32.43 9.78
N PHE A 135 -9.81 -32.87 9.98
CA PHE A 135 -9.44 -34.18 9.44
C PHE A 135 -9.92 -35.29 10.37
N GLU A 136 -9.90 -35.02 11.68
CA GLU A 136 -10.48 -35.95 12.65
C GLU A 136 -11.99 -36.15 12.37
N LYS A 137 -12.69 -35.05 12.09
CA LYS A 137 -14.12 -35.10 11.76
C LYS A 137 -14.40 -35.96 10.54
N VAL A 138 -13.58 -35.83 9.49
CA VAL A 138 -13.72 -36.68 8.32
C VAL A 138 -13.56 -38.15 8.68
N LEU A 139 -12.56 -38.46 9.49
CA LEU A 139 -12.33 -39.85 9.88
C LEU A 139 -13.45 -40.35 10.79
N LYS A 140 -13.92 -39.49 11.69
CA LYS A 140 -14.95 -39.89 12.63
C LYS A 140 -16.27 -40.06 11.89
N SER A 141 -16.46 -39.22 10.88
CA SER A 141 -17.63 -39.23 10.00
C SER A 141 -18.00 -40.60 9.36
N HIS A 142 -17.02 -41.30 8.79
CA HIS A 142 -17.34 -42.58 8.13
C HIS A 142 -16.73 -43.77 8.87
N GLY A 143 -15.82 -43.48 9.80
CA GLY A 143 -15.21 -44.53 10.63
C GLY A 143 -14.31 -45.51 9.91
N GLN A 144 -13.84 -45.15 8.72
CA GLN A 144 -13.01 -46.07 7.92
C GLN A 144 -11.51 -45.74 7.99
N ASP A 145 -10.70 -46.67 7.52
CA ASP A 145 -9.24 -46.61 7.69
C ASP A 145 -8.54 -45.55 6.84
N TYR A 146 -9.22 -45.12 5.78
CA TYR A 146 -8.65 -44.14 4.84
C TYR A 146 -9.56 -42.93 4.71
N LEU A 147 -9.00 -41.81 4.25
CA LEU A 147 -9.79 -40.59 4.22
C LEU A 147 -10.92 -40.68 3.20
N VAL A 148 -10.64 -41.24 2.03
CA VAL A 148 -11.62 -41.20 0.93
C VAL A 148 -11.82 -42.55 0.24
N GLY A 149 -13.08 -42.86 -0.07
CA GLY A 149 -13.44 -44.06 -0.80
C GLY A 149 -13.05 -45.38 -0.16
N ASN A 150 -12.78 -45.37 1.13
CA ASN A 150 -12.40 -46.59 1.86
C ASN A 150 -11.18 -47.29 1.25
N LYS A 151 -10.23 -46.50 0.79
CA LYS A 151 -9.11 -47.04 0.01
C LYS A 151 -7.96 -46.03 0.05
N LEU A 152 -6.72 -46.51 0.10
CA LEU A 152 -5.54 -45.62 0.14
C LEU A 152 -5.57 -44.60 -0.99
N SER A 153 -5.35 -43.33 -0.64
CA SER A 153 -5.23 -42.28 -1.64
C SER A 153 -4.14 -41.30 -1.26
N ARG A 154 -3.83 -40.37 -2.14
CA ARG A 154 -2.80 -39.40 -1.86
C ARG A 154 -3.14 -38.58 -0.62
N ALA A 155 -4.44 -38.50 -0.30
CA ALA A 155 -4.84 -37.72 0.86
C ALA A 155 -4.30 -38.33 2.15
N ASP A 156 -4.32 -39.66 2.22
CA ASP A 156 -3.78 -40.32 3.41
C ASP A 156 -2.28 -40.10 3.49
N ILE A 157 -1.62 -40.23 2.36
CA ILE A 157 -0.16 -40.06 2.31
C ILE A 157 0.25 -38.62 2.67
N HIS A 158 -0.35 -37.63 2.01
CA HIS A 158 -0.05 -36.23 2.30
C HIS A 158 -0.36 -35.87 3.77
N LEU A 159 -1.47 -36.36 4.29
CA LEU A 159 -1.83 -36.03 5.69
C LEU A 159 -0.82 -36.61 6.67
N VAL A 160 -0.46 -37.87 6.49
CA VAL A 160 0.41 -38.52 7.46
C VAL A 160 1.80 -37.92 7.42
N GLU A 161 2.28 -37.54 6.23
CA GLU A 161 3.53 -36.79 6.11
C GLU A 161 3.46 -35.54 6.98
N LEU A 162 2.35 -34.84 6.86
CA LEU A 162 2.16 -33.59 7.61
C LEU A 162 2.16 -33.86 9.13
N LEU A 163 1.54 -34.97 9.53
CA LEU A 163 1.51 -35.35 10.94
C LEU A 163 2.92 -35.60 11.48
N TYR A 164 3.82 -36.11 10.66
CA TYR A 164 5.21 -36.19 11.08
C TYR A 164 5.89 -34.82 11.27
N TYR A 165 5.60 -33.83 10.41
CA TYR A 165 6.16 -32.48 10.61
C TYR A 165 5.54 -31.77 11.80
N VAL A 166 4.25 -32.01 12.03
CA VAL A 166 3.63 -31.44 13.20
C VAL A 166 4.26 -32.05 14.49
N GLU A 167 4.58 -33.34 14.47
CA GLU A 167 5.20 -33.99 15.61
C GLU A 167 6.56 -33.38 15.93
N GLU A 168 7.34 -33.04 14.91
CA GLU A 168 8.62 -32.36 15.11
C GLU A 168 8.43 -30.97 15.73
N LEU A 169 7.35 -30.31 15.35
CA LEU A 169 7.04 -28.97 15.85
C LEU A 169 6.68 -29.01 17.33
N ASP A 170 5.63 -29.76 17.63
CA ASP A 170 5.14 -29.86 18.97
C ASP A 170 4.42 -31.20 19.07
N SER A 171 5.03 -32.15 19.77
CA SER A 171 4.55 -33.52 19.81
C SER A 171 3.20 -33.67 20.52
N SER A 172 2.80 -32.65 21.25
CA SER A 172 1.54 -32.68 21.98
C SER A 172 0.33 -32.30 21.13
N LEU A 173 0.56 -31.66 19.99
CA LEU A 173 -0.53 -31.11 19.20
C LEU A 173 -1.53 -32.17 18.74
N ILE A 174 -1.03 -33.35 18.40
CA ILE A 174 -1.94 -34.40 17.94
C ILE A 174 -2.67 -35.08 19.11
N SER A 175 -2.22 -34.83 20.33
CA SER A 175 -2.63 -35.63 21.50
C SER A 175 -4.14 -35.87 21.64
N SER A 176 -4.96 -34.89 21.29
CA SER A 176 -6.40 -35.04 21.51
C SER A 176 -7.16 -35.43 20.24
N PHE A 177 -6.44 -35.96 19.24
CA PHE A 177 -7.06 -36.44 18.00
C PHE A 177 -6.69 -37.92 17.77
N PRO A 178 -7.41 -38.82 18.46
CA PRO A 178 -7.14 -40.27 18.44
C PRO A 178 -7.21 -40.89 17.04
N LEU A 179 -8.15 -40.44 16.21
CA LEU A 179 -8.29 -41.00 14.88
C LEU A 179 -7.10 -40.63 13.97
N LEU A 180 -6.54 -39.43 14.18
CA LEU A 180 -5.33 -39.01 13.46
C LEU A 180 -4.13 -39.79 13.92
N LYS A 181 -4.05 -40.02 15.24
CA LYS A 181 -2.97 -40.82 15.80
C LYS A 181 -2.95 -42.22 15.19
N ALA A 182 -4.14 -42.79 15.05
CA ALA A 182 -4.30 -44.14 14.54
C ALA A 182 -4.09 -44.22 13.02
N LEU A 183 -4.48 -43.15 12.31
CA LEU A 183 -4.18 -43.09 10.88
C LEU A 183 -2.67 -43.09 10.65
N LYS A 184 -1.96 -42.28 11.42
CA LYS A 184 -0.52 -42.18 11.30
C LYS A 184 0.11 -43.56 11.53
N THR A 185 -0.35 -44.25 12.56
CA THR A 185 0.19 -45.60 12.83
C THR A 185 -0.07 -46.55 11.65
N ARG A 186 -1.31 -46.63 11.20
CA ARG A 186 -1.67 -47.54 10.10
C ARG A 186 -0.89 -47.26 8.82
N ILE A 187 -0.89 -46.00 8.38
CA ILE A 187 -0.20 -45.64 7.15
C ILE A 187 1.29 -45.89 7.28
N SER A 188 1.84 -45.61 8.47
CA SER A 188 3.28 -45.79 8.71
C SER A 188 3.68 -47.27 8.62
N ASN A 189 2.69 -48.16 8.71
CA ASN A 189 3.01 -49.59 8.69
C ASN A 189 2.68 -50.30 7.38
N LEU A 190 2.11 -49.57 6.42
CA LEU A 190 2.08 -50.06 5.05
C LEU A 190 3.52 -50.35 4.61
N PRO A 191 3.75 -51.51 3.96
CA PRO A 191 5.11 -51.92 3.59
C PRO A 191 5.91 -50.82 2.89
N THR A 192 5.35 -50.23 1.82
CA THR A 192 6.05 -49.17 1.08
C THR A 192 6.42 -47.98 1.95
N VAL A 193 5.47 -47.53 2.77
CA VAL A 193 5.75 -46.40 3.67
C VAL A 193 6.73 -46.78 4.77
N LYS A 194 6.54 -47.95 5.38
CA LYS A 194 7.49 -48.45 6.37
C LYS A 194 8.95 -48.42 5.87
N LYS A 195 9.16 -48.86 4.64
CA LYS A 195 10.51 -48.85 4.07
C LYS A 195 11.02 -47.41 3.90
N PHE A 196 10.15 -46.49 3.49
CA PHE A 196 10.50 -45.07 3.33
C PHE A 196 10.89 -44.42 4.67
N LEU A 197 10.23 -44.83 5.74
CA LEU A 197 10.49 -44.29 7.05
C LEU A 197 11.77 -44.85 7.68
N GLN A 198 12.26 -45.98 7.17
CA GLN A 198 13.52 -46.58 7.64
C GLN A 198 14.75 -45.83 7.14
N PRO A 199 15.90 -46.00 7.83
CA PRO A 199 17.14 -45.33 7.43
C PRO A 199 17.52 -45.68 6.01
N GLY A 200 18.22 -44.77 5.34
CA GLY A 200 18.73 -45.07 4.02
C GLY A 200 17.75 -44.80 2.89
N SER A 201 16.52 -44.39 3.22
CA SER A 201 15.55 -44.07 2.18
C SER A 201 15.81 -42.67 1.62
N PRO A 202 15.15 -42.33 0.53
CA PRO A 202 15.30 -40.97 0.01
C PRO A 202 14.61 -39.94 0.90
N ARG A 203 14.01 -40.35 2.01
CA ARG A 203 13.35 -39.40 2.90
C ARG A 203 14.38 -38.42 3.44
N LYS A 204 14.02 -37.13 3.45
CA LYS A 204 14.97 -36.10 3.84
C LYS A 204 14.77 -35.63 5.28
N PRO A 205 15.84 -35.13 5.91
CA PRO A 205 15.78 -34.65 7.29
C PRO A 205 15.20 -33.26 7.39
N PRO A 206 14.84 -32.82 8.60
CA PRO A 206 14.42 -31.42 8.75
C PRO A 206 15.57 -30.47 8.40
N MET A 207 15.22 -29.33 7.83
CA MET A 207 16.22 -28.35 7.42
C MET A 207 16.95 -27.77 8.62
N ASP A 208 18.28 -27.82 8.57
CA ASP A 208 19.11 -27.20 9.59
C ASP A 208 19.73 -25.93 9.03
N GLU A 209 20.67 -25.34 9.76
CA GLU A 209 21.23 -24.06 9.36
C GLU A 209 21.86 -24.11 7.97
N LYS A 210 22.85 -24.99 7.78
CA LYS A 210 23.58 -25.09 6.53
C LYS A 210 22.64 -25.26 5.33
N SER A 211 21.67 -26.15 5.49
CA SER A 211 20.70 -26.44 4.44
C SER A 211 20.07 -25.15 3.91
N LEU A 212 19.64 -24.30 4.83
CA LEU A 212 19.01 -23.04 4.49
C LEU A 212 19.96 -22.12 3.73
N GLU A 213 21.22 -22.08 4.13
CA GLU A 213 22.21 -21.24 3.47
C GLU A 213 22.38 -21.68 2.03
N GLU A 214 22.59 -22.98 1.86
CA GLU A 214 22.65 -23.63 0.55
C GLU A 214 21.46 -23.22 -0.32
N ALA A 215 20.29 -23.08 0.30
CA ALA A 215 19.07 -22.70 -0.40
C ALA A 215 19.08 -21.24 -0.87
N ARG A 216 19.48 -20.32 0.00
CA ARG A 216 19.60 -18.91 -0.36
C ARG A 216 20.59 -18.73 -1.50
N LYS A 217 21.78 -19.31 -1.31
CA LYS A 217 22.85 -19.26 -2.29
C LYS A 217 22.41 -19.83 -3.63
N ILE A 218 21.68 -20.95 -3.59
CA ILE A 218 21.26 -21.63 -4.82
C ILE A 218 20.12 -20.91 -5.54
N PHE A 219 19.10 -20.49 -4.79
CA PHE A 219 17.89 -19.90 -5.38
C PHE A 219 17.86 -18.37 -5.30
N ARG A 220 18.95 -17.81 -4.77
CA ARG A 220 19.16 -16.36 -4.72
C ARG A 220 18.01 -15.60 -4.06
N PHE A 221 17.75 -15.94 -2.80
CA PHE A 221 16.89 -15.16 -1.92
C PHE A 221 17.58 -15.01 -0.56
N ALA B 1 -32.22 -25.65 -6.55
CA ALA B 1 -30.77 -25.64 -6.41
C ALA B 1 -30.08 -26.27 -7.63
N GLU B 2 -30.51 -25.87 -8.82
CA GLU B 2 -29.92 -26.37 -10.06
C GLU B 2 -28.63 -25.61 -10.38
N LYS B 3 -28.59 -24.33 -10.01
CA LYS B 3 -27.42 -23.49 -10.24
C LYS B 3 -26.38 -23.70 -9.16
N PRO B 4 -25.10 -23.83 -9.56
CA PRO B 4 -24.08 -23.76 -8.51
C PRO B 4 -24.20 -22.44 -7.76
N LYS B 5 -23.92 -22.45 -6.46
CA LYS B 5 -24.10 -21.26 -5.63
C LYS B 5 -22.77 -20.82 -4.99
N LEU B 6 -22.26 -19.67 -5.43
CA LEU B 6 -20.93 -19.19 -5.00
C LEU B 6 -21.00 -18.32 -3.77
N HIS B 7 -20.34 -18.74 -2.70
CA HIS B 7 -20.31 -17.97 -1.47
C HIS B 7 -18.98 -17.26 -1.34
N TYR B 8 -19.04 -15.94 -1.23
CA TYR B 8 -17.85 -15.10 -1.24
C TYR B 8 -18.32 -13.68 -1.01
N PHE B 9 -17.40 -12.74 -0.79
CA PHE B 9 -17.85 -11.35 -0.71
C PHE B 9 -17.88 -10.76 -2.10
N ASN B 10 -18.51 -9.58 -2.26
CA ASN B 10 -18.71 -9.01 -3.60
C ASN B 10 -17.43 -8.39 -4.12
N ALA B 11 -16.58 -9.24 -4.69
CA ALA B 11 -15.30 -8.81 -5.25
C ALA B 11 -14.69 -9.96 -6.05
N ARG B 12 -13.64 -9.67 -6.81
CA ARG B 12 -12.96 -10.71 -7.57
C ARG B 12 -12.38 -11.73 -6.59
N GLY B 13 -11.37 -11.30 -5.85
CA GLY B 13 -10.71 -12.13 -4.85
C GLY B 13 -10.32 -13.51 -5.39
N ARG B 14 -10.54 -14.52 -4.56
CA ARG B 14 -10.23 -15.90 -4.89
C ARG B 14 -11.37 -16.60 -5.65
N MET B 15 -12.49 -15.92 -5.82
CA MET B 15 -13.67 -16.53 -6.47
C MET B 15 -13.76 -16.21 -7.96
N GLU B 16 -13.05 -15.18 -8.42
CA GLU B 16 -13.17 -14.70 -9.81
C GLU B 16 -12.72 -15.71 -10.88
N SER B 17 -11.67 -16.50 -10.61
CA SER B 17 -11.26 -17.53 -11.57
C SER B 17 -12.38 -18.56 -11.76
N THR B 18 -13.13 -18.81 -10.69
CA THR B 18 -14.26 -19.74 -10.73
C THR B 18 -15.42 -19.12 -11.52
N ARG B 19 -15.63 -17.82 -11.31
CA ARG B 19 -16.64 -17.09 -12.08
C ARG B 19 -16.36 -17.17 -13.58
N TRP B 20 -15.08 -16.99 -13.95
CA TRP B 20 -14.66 -17.05 -15.34
C TRP B 20 -14.91 -18.42 -15.95
N LEU B 21 -14.49 -19.46 -15.25
CA LEU B 21 -14.58 -20.83 -15.76
C LEU B 21 -16.03 -21.23 -15.99
N LEU B 22 -16.87 -20.93 -15.01
CA LEU B 22 -18.27 -21.29 -15.09
C LEU B 22 -18.93 -20.56 -16.26
N ALA B 23 -18.62 -19.27 -16.38
CA ALA B 23 -19.18 -18.45 -17.43
C ALA B 23 -18.70 -18.95 -18.79
N ALA B 24 -17.42 -19.25 -18.91
CA ALA B 24 -16.91 -19.68 -20.19
C ALA B 24 -17.52 -21.03 -20.55
N ALA B 25 -17.85 -21.82 -19.53
CA ALA B 25 -18.54 -23.11 -19.72
C ALA B 25 -20.05 -22.96 -19.97
N GLY B 26 -20.54 -21.73 -19.91
CA GLY B 26 -21.94 -21.47 -20.18
C GLY B 26 -22.84 -21.89 -19.03
N VAL B 27 -22.26 -22.03 -17.86
CA VAL B 27 -23.02 -22.45 -16.70
C VAL B 27 -23.49 -21.24 -15.90
N GLU B 28 -24.79 -21.17 -15.66
CA GLU B 28 -25.35 -20.09 -14.86
C GLU B 28 -25.22 -20.38 -13.38
N PHE B 29 -24.87 -19.37 -12.59
CA PHE B 29 -24.72 -19.58 -11.16
C PHE B 29 -25.35 -18.46 -10.35
N GLU B 30 -25.70 -18.77 -9.10
CA GLU B 30 -26.15 -17.78 -8.14
C GLU B 30 -24.98 -17.38 -7.24
N GLU B 31 -25.00 -16.14 -6.75
CA GLU B 31 -24.01 -15.75 -5.77
C GLU B 31 -24.66 -15.26 -4.47
N LYS B 32 -24.27 -15.87 -3.35
CA LYS B 32 -24.69 -15.38 -2.05
C LYS B 32 -23.54 -14.57 -1.44
N PHE B 33 -23.69 -13.25 -1.46
CA PHE B 33 -22.63 -12.35 -1.02
C PHE B 33 -22.55 -12.21 0.49
N ILE B 34 -21.39 -12.58 1.02
CA ILE B 34 -21.03 -12.29 2.39
C ILE B 34 -20.86 -10.79 2.52
N LYS B 35 -21.52 -10.18 3.49
CA LYS B 35 -21.48 -8.73 3.67
C LYS B 35 -20.83 -8.36 4.99
N SER B 36 -20.80 -9.32 5.90
CA SER B 36 -20.30 -9.07 7.23
C SER B 36 -19.65 -10.30 7.83
N ALA B 37 -18.78 -10.07 8.80
CA ALA B 37 -18.22 -11.12 9.64
C ALA B 37 -19.32 -12.02 10.20
N GLU B 38 -20.51 -11.44 10.40
CA GLU B 38 -21.66 -12.18 10.89
C GLU B 38 -22.12 -13.18 9.86
N ASP B 39 -22.11 -12.78 8.60
CA ASP B 39 -22.54 -13.66 7.52
C ASP B 39 -21.59 -14.84 7.38
N LEU B 40 -20.29 -14.58 7.58
CA LEU B 40 -19.27 -15.60 7.45
C LEU B 40 -19.39 -16.57 8.60
N ASP B 41 -19.63 -16.02 9.80
CA ASP B 41 -19.83 -16.84 10.99
C ASP B 41 -21.07 -17.70 10.85
N LYS B 42 -22.10 -17.15 10.23
CA LYS B 42 -23.28 -17.94 9.89
C LYS B 42 -22.89 -19.24 9.16
N LEU B 43 -22.20 -19.10 8.03
CA LEU B 43 -21.71 -20.26 7.26
C LEU B 43 -20.85 -21.19 8.11
N ARG B 44 -20.00 -20.60 8.94
CA ARG B 44 -19.09 -21.36 9.77
C ARG B 44 -19.86 -22.25 10.76
N ASN B 45 -20.92 -21.69 11.34
CA ASN B 45 -21.66 -22.37 12.41
C ASN B 45 -22.64 -23.40 11.86
N ASP B 46 -23.12 -23.21 10.64
CA ASP B 46 -24.00 -24.17 10.01
C ASP B 46 -23.17 -25.32 9.39
N GLY B 47 -21.89 -25.39 9.75
CA GLY B 47 -20.99 -26.42 9.25
C GLY B 47 -20.76 -26.45 7.75
N TYR B 48 -20.90 -25.31 7.09
CA TYR B 48 -20.79 -25.26 5.63
C TYR B 48 -19.34 -25.26 5.13
N LEU B 49 -18.38 -24.93 5.99
CA LEU B 49 -17.00 -24.61 5.56
C LEU B 49 -15.97 -25.51 6.25
N MET B 50 -15.43 -26.47 5.50
CA MET B 50 -14.50 -27.46 6.06
C MET B 50 -13.35 -26.85 6.87
N PHE B 51 -12.74 -25.79 6.33
CA PHE B 51 -11.61 -25.17 7.00
C PHE B 51 -11.97 -23.75 7.47
N GLN B 52 -13.29 -23.51 7.54
CA GLN B 52 -13.86 -22.25 8.03
C GLN B 52 -13.56 -21.06 7.13
N GLN B 53 -13.35 -21.34 5.84
CA GLN B 53 -12.99 -20.32 4.86
C GLN B 53 -13.87 -20.42 3.64
N VAL B 54 -13.96 -19.30 2.95
CA VAL B 54 -14.45 -19.26 1.58
C VAL B 54 -13.24 -18.94 0.72
N PRO B 55 -13.31 -19.14 -0.61
CA PRO B 55 -14.46 -19.54 -1.43
C PRO B 55 -15.12 -20.84 -0.99
N MET B 56 -16.44 -20.89 -1.13
CA MET B 56 -17.19 -22.15 -1.08
C MET B 56 -18.21 -22.14 -2.20
N VAL B 57 -18.32 -23.27 -2.88
CA VAL B 57 -19.34 -23.42 -3.89
C VAL B 57 -20.23 -24.62 -3.57
N GLU B 58 -21.54 -24.37 -3.48
CA GLU B 58 -22.54 -25.43 -3.43
C GLU B 58 -22.76 -25.93 -4.85
N ILE B 59 -22.34 -27.16 -5.13
CA ILE B 59 -22.50 -27.76 -6.44
C ILE B 59 -22.62 -29.27 -6.33
N ASP B 60 -23.66 -29.81 -6.95
CA ASP B 60 -23.88 -31.26 -7.01
C ASP B 60 -23.87 -31.90 -5.62
N GLY B 61 -24.66 -31.35 -4.72
CA GLY B 61 -24.83 -31.90 -3.40
C GLY B 61 -23.66 -31.63 -2.48
N MET B 62 -22.58 -31.11 -3.05
CA MET B 62 -21.36 -30.88 -2.29
C MET B 62 -21.26 -29.44 -1.77
N LYS B 63 -20.57 -29.28 -0.65
CA LYS B 63 -20.12 -27.97 -0.21
C LYS B 63 -18.57 -27.90 -0.34
N LEU B 64 -18.14 -27.61 -1.56
CA LEU B 64 -16.73 -27.52 -1.93
C LEU B 64 -16.04 -26.23 -1.49
N VAL B 65 -15.02 -26.37 -0.66
CA VAL B 65 -14.12 -25.26 -0.37
C VAL B 65 -12.74 -25.54 -0.96
N GLN B 66 -11.84 -24.56 -0.85
CA GLN B 66 -10.51 -24.58 -1.50
C GLN B 66 -10.64 -24.30 -2.99
N THR B 67 -10.12 -23.13 -3.40
CA THR B 67 -10.14 -22.69 -4.80
C THR B 67 -9.83 -23.81 -5.82
N ARG B 68 -8.71 -24.50 -5.63
CA ARG B 68 -8.29 -25.49 -6.61
C ARG B 68 -9.22 -26.70 -6.63
N ALA B 69 -9.81 -27.07 -5.50
CA ALA B 69 -10.77 -28.20 -5.51
C ALA B 69 -12.01 -27.84 -6.35
N ILE B 70 -12.47 -26.60 -6.17
CA ILE B 70 -13.60 -26.09 -6.92
C ILE B 70 -13.28 -26.08 -8.42
N LEU B 71 -12.18 -25.45 -8.78
CA LEU B 71 -11.81 -25.32 -10.20
C LEU B 71 -11.61 -26.69 -10.87
N ASN B 72 -10.88 -27.57 -10.21
CA ASN B 72 -10.61 -28.90 -10.76
C ASN B 72 -11.91 -29.64 -11.09
N TYR B 73 -12.87 -29.59 -10.17
CA TYR B 73 -14.12 -30.32 -10.34
C TYR B 73 -14.94 -29.73 -11.49
N ILE B 74 -15.07 -28.41 -11.47
CA ILE B 74 -15.80 -27.70 -12.49
C ILE B 74 -15.15 -27.97 -13.85
N ALA B 75 -13.82 -27.89 -13.92
CA ALA B 75 -13.13 -28.16 -15.17
C ALA B 75 -13.39 -29.59 -15.64
N SER B 76 -13.42 -30.55 -14.73
CA SER B 76 -13.67 -31.93 -15.14
C SER B 76 -15.13 -32.06 -15.59
N LYS B 77 -16.04 -31.58 -14.74
CA LYS B 77 -17.46 -31.73 -14.99
C LYS B 77 -17.83 -31.26 -16.39
N TYR B 78 -17.18 -30.19 -16.86
CA TYR B 78 -17.54 -29.60 -18.16
C TYR B 78 -16.49 -29.78 -19.24
N ASN B 79 -15.71 -30.85 -19.14
CA ASN B 79 -14.75 -31.26 -20.16
C ASN B 79 -13.77 -30.16 -20.59
N LEU B 80 -13.25 -29.43 -19.61
CA LEU B 80 -12.27 -28.38 -19.86
C LEU B 80 -10.94 -28.70 -19.19
N TYR B 81 -10.71 -29.99 -18.93
CA TYR B 81 -9.49 -30.42 -18.21
C TYR B 81 -8.64 -31.40 -19.04
N GLY B 82 -8.60 -31.23 -20.35
CA GLY B 82 -7.83 -32.12 -21.20
C GLY B 82 -8.55 -33.45 -21.40
N LYS B 83 -8.03 -34.31 -22.28
CA LYS B 83 -8.75 -35.54 -22.60
C LYS B 83 -8.23 -36.74 -21.81
N ASP B 84 -6.99 -36.66 -21.34
CA ASP B 84 -6.38 -37.74 -20.58
C ASP B 84 -5.40 -37.18 -19.56
N ILE B 85 -4.73 -38.09 -18.84
CA ILE B 85 -3.79 -37.74 -17.77
C ILE B 85 -2.60 -36.91 -18.25
N LYS B 86 -2.15 -37.17 -19.47
CA LYS B 86 -0.98 -36.45 -19.96
C LYS B 86 -1.35 -35.01 -20.38
N GLU B 87 -2.54 -34.82 -20.96
CA GLU B 87 -3.02 -33.46 -21.23
C GLU B 87 -3.22 -32.69 -19.91
N ARG B 88 -3.77 -33.38 -18.91
N ARG B 88 -3.78 -33.36 -18.91
CA ARG B 88 -4.00 -32.77 -17.63
CA ARG B 88 -3.99 -32.69 -17.63
C ARG B 88 -2.70 -32.29 -16.99
C ARG B 88 -2.67 -32.23 -17.04
N ALA B 89 -1.61 -33.02 -17.21
CA ALA B 89 -0.32 -32.63 -16.66
C ALA B 89 0.12 -31.30 -17.27
N LEU B 90 -0.06 -31.14 -18.58
CA LEU B 90 0.31 -29.87 -19.23
C LEU B 90 -0.59 -28.76 -18.71
N ILE B 91 -1.89 -29.00 -18.68
CA ILE B 91 -2.85 -28.03 -18.16
C ILE B 91 -2.46 -27.61 -16.75
N ASP B 92 -2.17 -28.60 -15.91
CA ASP B 92 -1.77 -28.34 -14.52
C ASP B 92 -0.46 -27.56 -14.45
N MET B 93 0.52 -27.96 -15.23
CA MET B 93 1.76 -27.22 -15.21
C MET B 93 1.54 -25.75 -15.63
N TYR B 94 0.69 -25.55 -16.64
CA TYR B 94 0.49 -24.19 -17.16
C TYR B 94 -0.24 -23.33 -16.16
N ILE B 95 -1.37 -23.82 -15.68
CA ILE B 95 -2.19 -23.01 -14.81
C ILE B 95 -1.58 -22.82 -13.42
N GLU B 96 -0.58 -23.64 -13.05
CA GLU B 96 0.10 -23.42 -11.78
C GLU B 96 1.12 -22.29 -11.92
N GLY B 97 1.71 -22.14 -13.09
CA GLY B 97 2.51 -20.96 -13.35
C GLY B 97 1.63 -19.71 -13.29
N ILE B 98 0.45 -19.81 -13.90
CA ILE B 98 -0.53 -18.74 -13.94
C ILE B 98 -1.00 -18.38 -12.53
N ALA B 99 -1.17 -19.41 -11.70
CA ALA B 99 -1.58 -19.21 -10.32
C ALA B 99 -0.50 -18.47 -9.54
N ASP B 100 0.75 -18.81 -9.78
CA ASP B 100 1.85 -18.14 -9.07
C ASP B 100 1.83 -16.64 -9.38
N LEU B 101 1.67 -16.31 -10.65
CA LEU B 101 1.68 -14.91 -11.08
C LEU B 101 0.45 -14.21 -10.57
N GLY B 102 -0.70 -14.86 -10.74
CA GLY B 102 -1.95 -14.35 -10.24
C GLY B 102 -1.99 -14.08 -8.76
N GLU B 103 -1.31 -14.93 -7.98
CA GLU B 103 -1.26 -14.75 -6.53
C GLU B 103 -0.46 -13.49 -6.19
N MET B 104 0.66 -13.30 -6.87
CA MET B 104 1.44 -12.07 -6.71
C MET B 104 0.59 -10.80 -6.96
N ILE B 105 -0.17 -10.79 -8.06
CA ILE B 105 -1.00 -9.64 -8.41
C ILE B 105 -2.19 -9.46 -7.44
N LEU B 106 -2.83 -10.57 -7.10
CA LEU B 106 -3.92 -10.55 -6.14
C LEU B 106 -3.55 -9.87 -4.81
N LEU B 107 -2.33 -10.10 -4.35
CA LEU B 107 -1.92 -9.68 -3.02
C LEU B 107 -1.19 -8.32 -3.02
N LEU B 108 -0.92 -7.79 -4.20
CA LEU B 108 -0.18 -6.52 -4.29
C LEU B 108 -0.75 -5.41 -3.35
N PRO B 109 -2.09 -5.23 -3.34
CA PRO B 109 -2.76 -4.25 -2.46
C PRO B 109 -2.52 -4.43 -0.95
N VAL B 110 -2.06 -5.59 -0.50
CA VAL B 110 -1.80 -5.73 0.92
C VAL B 110 -0.30 -5.84 1.19
N PRO B 112 3.09 -4.43 2.33
CA PRO B 112 3.44 -3.23 3.10
C PRO B 112 3.83 -2.07 2.17
N PRO B 113 3.43 -0.82 2.48
CA PRO B 113 3.65 0.30 1.56
C PRO B 113 5.12 0.48 1.17
N GLU B 114 6.03 0.18 2.10
CA GLU B 114 7.46 0.32 1.81
C GLU B 114 8.00 -0.81 0.91
N GLU B 115 7.19 -1.86 0.70
CA GLU B 115 7.57 -2.96 -0.21
C GLU B 115 6.83 -2.92 -1.55
N LYS B 116 5.77 -2.12 -1.62
CA LYS B 116 4.91 -2.08 -2.78
C LYS B 116 5.64 -1.82 -4.12
N ASP B 117 6.56 -0.85 -4.14
CA ASP B 117 7.21 -0.48 -5.39
C ASP B 117 8.06 -1.65 -5.91
N ALA B 118 8.87 -2.22 -5.03
CA ALA B 118 9.77 -3.30 -5.42
C ALA B 118 8.99 -4.53 -5.86
N LYS B 119 7.89 -4.82 -5.17
CA LYS B 119 7.05 -5.97 -5.53
C LYS B 119 6.41 -5.79 -6.91
N LEU B 120 5.91 -4.58 -7.20
CA LEU B 120 5.33 -4.32 -8.53
C LEU B 120 6.40 -4.50 -9.61
N ALA B 121 7.61 -4.01 -9.34
CA ALA B 121 8.70 -4.09 -10.31
C ALA B 121 9.09 -5.55 -10.52
N LEU B 122 9.10 -6.33 -9.45
CA LEU B 122 9.38 -7.77 -9.54
C LEU B 122 8.31 -8.48 -10.40
N ILE B 123 7.05 -8.14 -10.17
CA ILE B 123 5.97 -8.73 -10.95
C ILE B 123 6.11 -8.42 -12.44
N LYS B 124 6.50 -7.19 -12.75
CA LYS B 124 6.66 -6.79 -14.15
C LYS B 124 7.81 -7.52 -14.81
N GLU B 125 8.91 -7.65 -14.07
CA GLU B 125 10.08 -8.39 -14.53
C GLU B 125 9.77 -9.87 -14.79
N LYS B 126 9.04 -10.49 -13.88
CA LYS B 126 8.65 -11.90 -14.09
C LYS B 126 7.67 -12.06 -15.26
N ILE B 127 6.75 -11.11 -15.44
CA ILE B 127 5.85 -11.15 -16.57
C ILE B 127 6.69 -11.12 -17.86
N LYS B 128 7.60 -10.17 -17.92
CA LYS B 128 8.40 -9.91 -19.11
C LYS B 128 9.35 -11.08 -19.40
N ASN B 129 10.01 -11.55 -18.35
CA ASN B 129 11.12 -12.47 -18.47
C ASN B 129 10.82 -13.95 -18.18
N ARG B 130 9.67 -14.26 -17.58
CA ARG B 130 9.41 -15.63 -17.12
C ARG B 130 8.12 -16.17 -17.67
N TYR B 131 7.01 -15.55 -17.28
CA TYR B 131 5.70 -16.05 -17.60
C TYR B 131 5.19 -15.82 -19.03
N PHE B 132 5.26 -14.59 -19.53
CA PHE B 132 4.81 -14.35 -20.91
C PHE B 132 5.65 -15.14 -21.94
N PRO B 133 6.99 -15.10 -21.83
CA PRO B 133 7.83 -15.94 -22.68
C PRO B 133 7.42 -17.42 -22.64
N ALA B 134 7.20 -17.95 -21.44
CA ALA B 134 6.82 -19.36 -21.31
C ALA B 134 5.57 -19.67 -22.11
N PHE B 135 4.57 -18.79 -22.06
CA PHE B 135 3.31 -19.11 -22.73
C PHE B 135 3.32 -18.78 -24.22
N GLU B 136 4.05 -17.74 -24.62
CA GLU B 136 4.29 -17.48 -26.05
C GLU B 136 4.96 -18.70 -26.69
N LYS B 137 6.01 -19.18 -26.04
CA LYS B 137 6.76 -20.35 -26.49
C LYS B 137 5.90 -21.59 -26.71
N VAL B 138 4.96 -21.85 -25.81
CA VAL B 138 4.03 -22.97 -25.99
C VAL B 138 3.16 -22.80 -27.24
N LEU B 139 2.56 -21.61 -27.39
CA LEU B 139 1.75 -21.32 -28.56
C LEU B 139 2.56 -21.42 -29.86
N LYS B 140 3.79 -20.88 -29.83
CA LYS B 140 4.67 -20.90 -30.99
C LYS B 140 5.06 -22.30 -31.40
N SER B 141 5.20 -23.21 -30.43
CA SER B 141 5.75 -24.52 -30.77
C SER B 141 4.75 -25.44 -31.46
N HIS B 142 3.47 -25.33 -31.13
CA HIS B 142 2.48 -26.16 -31.83
C HIS B 142 1.59 -25.36 -32.78
N GLY B 143 1.78 -24.03 -32.78
CA GLY B 143 1.06 -23.14 -33.67
C GLY B 143 -0.46 -23.20 -33.65
N GLN B 144 -1.05 -23.91 -32.69
CA GLN B 144 -2.48 -24.13 -32.67
C GLN B 144 -3.23 -22.98 -31.96
N ASP B 145 -4.57 -22.97 -32.07
CA ASP B 145 -5.37 -21.88 -31.47
C ASP B 145 -5.56 -21.98 -29.94
N TYR B 146 -5.29 -23.14 -29.38
CA TYR B 146 -5.45 -23.35 -27.94
C TYR B 146 -4.15 -23.85 -27.31
N LEU B 147 -4.03 -23.70 -25.99
CA LEU B 147 -2.81 -24.09 -25.32
C LEU B 147 -2.56 -25.59 -25.38
N VAL B 148 -3.60 -26.36 -25.10
CA VAL B 148 -3.43 -27.80 -24.94
C VAL B 148 -4.45 -28.63 -25.69
N GLY B 149 -3.95 -29.57 -26.48
CA GLY B 149 -4.79 -30.54 -27.16
C GLY B 149 -5.63 -29.92 -28.26
N ASN B 150 -5.14 -28.81 -28.80
CA ASN B 150 -5.80 -28.12 -29.90
C ASN B 150 -7.29 -27.95 -29.64
N LYS B 151 -7.63 -27.71 -28.38
CA LYS B 151 -9.02 -27.69 -27.97
C LYS B 151 -9.13 -26.80 -26.74
N LEU B 152 -10.18 -26.00 -26.68
CA LEU B 152 -10.42 -25.11 -25.55
C LEU B 152 -10.35 -25.81 -24.19
N SER B 153 -9.46 -25.34 -23.33
CA SER B 153 -9.45 -25.89 -21.97
C SER B 153 -9.48 -24.80 -20.92
N ARG B 154 -9.51 -25.20 -19.66
CA ARG B 154 -9.37 -24.29 -18.53
C ARG B 154 -8.08 -23.48 -18.62
N ALA B 155 -7.07 -24.02 -19.29
CA ALA B 155 -5.83 -23.29 -19.37
C ALA B 155 -5.98 -21.98 -20.17
N ASP B 156 -6.72 -22.03 -21.28
CA ASP B 156 -6.92 -20.82 -22.08
C ASP B 156 -7.76 -19.81 -21.31
N ILE B 157 -8.76 -20.29 -20.59
CA ILE B 157 -9.64 -19.42 -19.80
C ILE B 157 -8.85 -18.74 -18.69
N HIS B 158 -8.11 -19.51 -17.88
CA HIS B 158 -7.31 -18.92 -16.79
C HIS B 158 -6.25 -17.93 -17.29
N LEU B 159 -5.58 -18.27 -18.39
CA LEU B 159 -4.52 -17.41 -18.91
C LEU B 159 -5.10 -16.10 -19.41
N VAL B 160 -6.19 -16.17 -20.16
CA VAL B 160 -6.75 -14.96 -20.74
C VAL B 160 -7.29 -14.06 -19.65
N GLU B 161 -7.92 -14.64 -18.62
CA GLU B 161 -8.29 -13.87 -17.43
C GLU B 161 -7.08 -13.06 -16.89
N LEU B 162 -5.94 -13.73 -16.77
CA LEU B 162 -4.71 -13.12 -16.26
C LEU B 162 -4.23 -11.99 -17.19
N LEU B 163 -4.36 -12.21 -18.50
CA LEU B 163 -3.98 -11.18 -19.47
C LEU B 163 -4.77 -9.90 -19.23
N TYR B 164 -6.06 -10.01 -18.93
CA TYR B 164 -6.84 -8.82 -18.57
C TYR B 164 -6.33 -8.11 -17.31
N TYR B 165 -5.86 -8.84 -16.30
CA TYR B 165 -5.35 -8.20 -15.09
C TYR B 165 -3.96 -7.61 -15.34
N VAL B 166 -3.18 -8.24 -16.20
CA VAL B 166 -1.87 -7.65 -16.54
C VAL B 166 -2.07 -6.37 -17.36
N GLU B 167 -3.06 -6.38 -18.24
CA GLU B 167 -3.37 -5.20 -19.02
C GLU B 167 -3.75 -4.03 -18.10
N GLU B 168 -4.55 -4.32 -17.08
CA GLU B 168 -4.89 -3.33 -16.05
C GLU B 168 -3.62 -2.82 -15.38
N LEU B 169 -2.64 -3.69 -15.23
CA LEU B 169 -1.38 -3.31 -14.58
C LEU B 169 -0.56 -2.36 -15.43
N ASP B 170 -0.23 -2.85 -16.62
CA ASP B 170 0.66 -2.16 -17.53
C ASP B 170 0.32 -2.70 -18.92
N SER B 171 -0.37 -1.91 -19.73
CA SER B 171 -0.86 -2.38 -21.03
C SER B 171 0.27 -2.65 -22.03
N SER B 172 1.50 -2.26 -21.69
CA SER B 172 2.64 -2.47 -22.58
C SER B 172 3.31 -3.84 -22.42
N LEU B 173 2.97 -4.55 -21.35
CA LEU B 173 3.70 -5.77 -21.00
C LEU B 173 3.51 -6.86 -22.05
N ILE B 174 2.30 -6.94 -22.60
CA ILE B 174 1.97 -7.99 -23.58
C ILE B 174 2.37 -7.62 -25.01
N SER B 175 2.89 -6.40 -25.19
CA SER B 175 3.14 -5.80 -26.52
C SER B 175 3.97 -6.69 -27.44
N SER B 176 5.05 -7.24 -26.91
CA SER B 176 5.93 -8.08 -27.73
C SER B 176 5.60 -9.58 -27.64
N PHE B 177 4.34 -9.89 -27.33
CA PHE B 177 3.88 -11.28 -27.34
C PHE B 177 2.63 -11.40 -28.21
N PRO B 178 2.85 -11.46 -29.54
CA PRO B 178 1.79 -11.48 -30.55
C PRO B 178 0.84 -12.65 -30.37
N LEU B 179 1.40 -13.83 -30.04
CA LEU B 179 0.60 -15.02 -29.86
C LEU B 179 -0.36 -14.89 -28.67
N LEU B 180 0.13 -14.27 -27.59
CA LEU B 180 -0.70 -13.99 -26.43
C LEU B 180 -1.83 -13.02 -26.78
N LYS B 181 -1.49 -11.98 -27.54
CA LYS B 181 -2.54 -11.04 -28.01
C LYS B 181 -3.61 -11.75 -28.80
N ALA B 182 -3.19 -12.61 -29.73
CA ALA B 182 -4.10 -13.35 -30.59
C ALA B 182 -5.02 -14.25 -29.77
N LEU B 183 -4.42 -14.92 -28.79
CA LEU B 183 -5.16 -15.79 -27.90
C LEU B 183 -6.23 -15.00 -27.15
N LYS B 184 -5.86 -13.83 -26.64
CA LYS B 184 -6.77 -13.02 -25.83
C LYS B 184 -7.98 -12.66 -26.67
N THR B 185 -7.71 -12.31 -27.92
CA THR B 185 -8.77 -11.89 -28.83
C THR B 185 -9.70 -13.05 -29.16
N ARG B 186 -9.13 -14.17 -29.59
CA ARG B 186 -9.93 -15.35 -29.89
C ARG B 186 -10.81 -15.73 -28.71
N ILE B 187 -10.19 -15.91 -27.54
CA ILE B 187 -10.94 -16.36 -26.39
C ILE B 187 -12.02 -15.37 -26.00
N SER B 188 -11.68 -14.08 -26.04
CA SER B 188 -12.61 -13.05 -25.63
C SER B 188 -13.82 -13.02 -26.55
N ASN B 189 -13.64 -13.49 -27.79
CA ASN B 189 -14.75 -13.48 -28.76
C ASN B 189 -15.57 -14.77 -28.78
N LEU B 190 -15.18 -15.77 -27.98
CA LEU B 190 -16.01 -16.95 -27.84
C LEU B 190 -17.33 -16.46 -27.25
N PRO B 191 -18.45 -16.96 -27.75
CA PRO B 191 -19.75 -16.42 -27.33
C PRO B 191 -19.95 -16.38 -25.80
N THR B 192 -19.60 -17.45 -25.11
CA THR B 192 -19.77 -17.50 -23.65
C THR B 192 -18.90 -16.46 -22.94
N VAL B 193 -17.67 -16.28 -23.43
CA VAL B 193 -16.70 -15.39 -22.79
C VAL B 193 -16.98 -13.92 -23.15
N LYS B 194 -17.40 -13.70 -24.40
CA LYS B 194 -17.85 -12.37 -24.83
C LYS B 194 -18.95 -11.86 -23.91
N LYS B 195 -19.95 -12.70 -23.68
CA LYS B 195 -21.06 -12.34 -22.81
C LYS B 195 -20.61 -12.00 -21.37
N PHE B 196 -19.64 -12.75 -20.86
CA PHE B 196 -19.10 -12.50 -19.52
C PHE B 196 -18.36 -11.17 -19.43
N LEU B 197 -17.60 -10.85 -20.48
CA LEU B 197 -16.84 -9.60 -20.55
C LEU B 197 -17.73 -8.36 -20.77
N GLN B 198 -18.94 -8.56 -21.25
CA GLN B 198 -19.85 -7.45 -21.53
C GLN B 198 -20.42 -6.86 -20.26
N PRO B 199 -20.84 -5.58 -20.32
CA PRO B 199 -21.45 -4.95 -19.15
C PRO B 199 -22.64 -5.75 -18.62
N GLY B 200 -22.83 -5.73 -17.30
CA GLY B 200 -24.00 -6.32 -16.69
C GLY B 200 -23.83 -7.72 -16.16
N SER B 201 -22.75 -8.38 -16.58
CA SER B 201 -22.48 -9.76 -16.16
C SER B 201 -22.01 -9.84 -14.70
N PRO B 202 -21.89 -11.07 -14.16
CA PRO B 202 -21.37 -11.23 -12.81
C PRO B 202 -19.86 -10.95 -12.72
N ARG B 203 -19.19 -10.66 -13.84
CA ARG B 203 -17.76 -10.33 -13.76
C ARG B 203 -17.53 -9.17 -12.79
N LYS B 204 -16.48 -9.28 -11.97
CA LYS B 204 -16.23 -8.29 -10.94
C LYS B 204 -15.15 -7.25 -11.30
N PRO B 205 -15.24 -6.05 -10.70
CA PRO B 205 -14.26 -5.00 -11.01
C PRO B 205 -13.02 -5.12 -10.16
N PRO B 206 -11.93 -4.43 -10.54
CA PRO B 206 -10.71 -4.37 -9.73
C PRO B 206 -11.06 -3.93 -8.33
N MET B 207 -10.37 -4.49 -7.35
CA MET B 207 -10.63 -4.13 -5.96
C MET B 207 -10.23 -2.68 -5.68
N ASP B 208 -11.14 -1.92 -5.07
CA ASP B 208 -10.82 -0.56 -4.67
C ASP B 208 -10.64 -0.53 -3.16
N GLU B 209 -10.44 0.67 -2.61
CA GLU B 209 -10.11 0.81 -1.20
C GLU B 209 -11.29 0.41 -0.32
N LYS B 210 -12.48 0.84 -0.73
CA LYS B 210 -13.71 0.49 -0.05
C LYS B 210 -13.87 -1.03 0.08
N SER B 211 -13.62 -1.71 -1.03
CA SER B 211 -13.74 -3.17 -1.12
C SER B 211 -12.71 -3.86 -0.25
N LEU B 212 -11.50 -3.32 -0.26
CA LEU B 212 -10.42 -3.87 0.55
C LEU B 212 -10.75 -3.76 2.04
N GLU B 213 -11.38 -2.65 2.42
CA GLU B 213 -11.77 -2.49 3.83
C GLU B 213 -12.93 -3.40 4.21
N GLU B 214 -13.82 -3.70 3.26
CA GLU B 214 -14.88 -4.66 3.52
C GLU B 214 -14.31 -6.06 3.76
N ALA B 215 -13.26 -6.43 3.04
CA ALA B 215 -12.67 -7.75 3.19
C ALA B 215 -11.99 -7.89 4.56
N ARG B 216 -11.35 -6.82 5.01
CA ARG B 216 -10.74 -6.79 6.34
C ARG B 216 -11.77 -6.89 7.46
N LYS B 217 -12.92 -6.25 7.25
CA LYS B 217 -14.02 -6.36 8.22
C LYS B 217 -14.55 -7.79 8.26
N ILE B 218 -14.80 -8.36 7.09
CA ILE B 218 -15.37 -9.70 6.98
C ILE B 218 -14.44 -10.81 7.48
N PHE B 219 -13.19 -10.80 7.02
CA PHE B 219 -12.27 -11.91 7.25
C PHE B 219 -11.30 -11.65 8.40
N ARG B 220 -11.43 -10.50 9.02
CA ARG B 220 -10.68 -10.19 10.24
C ARG B 220 -9.18 -10.31 10.01
N PHE B 221 -8.68 -9.64 8.99
CA PHE B 221 -7.24 -9.56 8.76
C PHE B 221 -6.82 -8.12 8.52
N ALA C 1 -27.46 26.30 5.42
CA ALA C 1 -27.16 25.37 6.52
C ALA C 1 -26.09 24.37 6.11
N GLU C 2 -25.98 24.14 4.80
CA GLU C 2 -24.88 23.36 4.25
C GLU C 2 -23.79 24.31 3.81
N LYS C 3 -24.17 25.56 3.57
CA LYS C 3 -23.24 26.66 3.36
C LYS C 3 -22.09 26.58 4.35
N PRO C 4 -20.86 26.56 3.85
CA PRO C 4 -19.73 26.68 4.76
C PRO C 4 -19.78 28.01 5.52
N LYS C 5 -19.46 27.96 6.81
CA LYS C 5 -19.40 29.17 7.63
C LYS C 5 -17.95 29.52 7.92
N LEU C 6 -17.54 30.69 7.47
CA LEU C 6 -16.20 31.19 7.73
C LEU C 6 -16.19 32.04 8.96
N HIS C 7 -15.43 31.63 9.96
CA HIS C 7 -15.30 32.40 11.18
C HIS C 7 -13.99 33.16 11.16
N TYR C 8 -14.12 34.45 10.95
CA TYR C 8 -12.98 35.34 10.82
C TYR C 8 -13.45 36.75 11.10
N PHE C 9 -12.50 37.68 11.18
CA PHE C 9 -12.89 39.07 11.29
C PHE C 9 -12.96 39.64 9.89
N ASN C 10 -13.61 40.76 9.73
CA ASN C 10 -13.86 41.34 8.43
C ASN C 10 -12.67 41.93 7.77
N ALA C 11 -11.83 41.06 7.22
CA ALA C 11 -10.61 41.49 6.55
C ALA C 11 -10.09 40.33 5.68
N ARG C 12 -9.14 40.61 4.82
CA ARG C 12 -8.48 39.54 4.07
C ARG C 12 -7.83 38.52 5.01
N GLY C 13 -6.70 38.92 5.59
CA GLY C 13 -6.03 38.11 6.59
C GLY C 13 -5.70 36.73 6.06
N ARG C 14 -5.86 35.74 6.93
CA ARG C 14 -5.54 34.36 6.61
C ARG C 14 -6.75 33.60 6.06
N MET C 15 -7.82 34.33 5.80
CA MET C 15 -9.04 33.69 5.31
C MET C 15 -9.28 33.94 3.83
N GLU C 16 -8.67 35.01 3.31
CA GLU C 16 -8.97 35.43 1.96
C GLU C 16 -8.71 34.33 0.91
N SER C 17 -7.66 33.51 1.09
CA SER C 17 -7.34 32.52 0.07
C SER C 17 -8.43 31.46 0.04
N THR C 18 -9.09 31.29 1.17
CA THR C 18 -10.19 30.36 1.27
C THR C 18 -11.44 30.94 0.58
N ARG C 19 -11.65 32.24 0.71
CA ARG C 19 -12.79 32.89 0.04
C ARG C 19 -12.63 32.74 -1.47
N TRP C 20 -11.43 33.03 -1.97
CA TRP C 20 -11.07 32.82 -3.37
C TRP C 20 -11.32 31.41 -3.88
N LEU C 21 -10.82 30.41 -3.15
CA LEU C 21 -10.96 29.02 -3.56
C LEU C 21 -12.43 28.57 -3.59
N LEU C 22 -13.18 28.82 -2.52
CA LEU C 22 -14.60 28.50 -2.51
C LEU C 22 -15.36 29.26 -3.62
N ALA C 23 -15.05 30.55 -3.79
CA ALA C 23 -15.69 31.33 -4.85
C ALA C 23 -15.38 30.72 -6.20
N ALA C 24 -14.12 30.41 -6.42
CA ALA C 24 -13.71 29.83 -7.71
C ALA C 24 -14.41 28.50 -7.96
N ALA C 25 -14.68 27.74 -6.90
CA ALA C 25 -15.35 26.46 -7.07
C ALA C 25 -16.87 26.62 -7.24
N GLY C 26 -17.38 27.83 -7.04
CA GLY C 26 -18.80 28.11 -7.17
C GLY C 26 -19.59 27.75 -5.92
N VAL C 27 -18.91 27.77 -4.79
CA VAL C 27 -19.53 27.39 -3.53
C VAL C 27 -19.93 28.62 -2.74
N GLU C 28 -21.24 28.83 -2.60
CA GLU C 28 -21.77 29.88 -1.74
C GLU C 28 -21.42 29.61 -0.28
N PHE C 29 -20.91 30.61 0.40
CA PHE C 29 -20.57 30.47 1.81
C PHE C 29 -21.10 31.63 2.62
N GLU C 30 -21.17 31.41 3.93
CA GLU C 30 -21.60 32.47 4.82
C GLU C 30 -20.46 32.83 5.78
N GLU C 31 -20.36 34.11 6.11
CA GLU C 31 -19.36 34.61 7.03
C GLU C 31 -19.95 35.04 8.37
N LYS C 32 -19.34 34.60 9.47
CA LYS C 32 -19.73 35.04 10.81
C LYS C 32 -18.60 35.88 11.38
N PHE C 33 -18.71 37.19 11.25
CA PHE C 33 -17.61 38.08 11.56
C PHE C 33 -17.38 38.27 13.06
N ILE C 34 -16.14 38.06 13.44
CA ILE C 34 -15.66 38.39 14.77
C ILE C 34 -15.46 39.90 14.84
N LYS C 35 -16.14 40.55 15.80
CA LYS C 35 -16.10 42.01 15.93
C LYS C 35 -15.14 42.45 17.04
N SER C 36 -14.93 41.59 18.04
CA SER C 36 -14.15 41.98 19.20
C SER C 36 -13.58 40.79 19.95
N ALA C 37 -12.72 41.06 20.91
CA ALA C 37 -12.08 40.01 21.70
C ALA C 37 -13.11 39.08 22.32
N GLU C 38 -14.21 39.66 22.82
CA GLU C 38 -15.27 38.86 23.43
C GLU C 38 -15.82 37.82 22.46
N ASP C 39 -15.96 38.21 21.20
CA ASP C 39 -16.46 37.32 20.15
C ASP C 39 -15.54 36.10 20.01
N LEU C 40 -14.25 36.39 19.99
CA LEU C 40 -13.21 35.36 19.92
C LEU C 40 -13.25 34.44 21.13
N ASP C 41 -13.50 35.00 22.31
CA ASP C 41 -13.50 34.20 23.54
C ASP C 41 -14.72 33.30 23.60
N LYS C 42 -15.82 33.78 23.02
CA LYS C 42 -17.02 32.95 22.90
C LYS C 42 -16.77 31.71 22.04
N LEU C 43 -15.98 31.89 20.97
CA LEU C 43 -15.57 30.77 20.13
C LEU C 43 -14.68 29.80 20.90
N ARG C 44 -13.66 30.35 21.56
CA ARG C 44 -12.76 29.57 22.40
C ARG C 44 -13.49 28.74 23.46
N ASN C 45 -14.34 29.41 24.25
CA ASN C 45 -15.03 28.77 25.36
C ASN C 45 -16.10 27.75 24.95
N ASP C 46 -16.65 27.88 23.75
CA ASP C 46 -17.63 26.91 23.27
C ASP C 46 -16.97 25.64 22.73
N GLY C 47 -15.63 25.60 22.79
CA GLY C 47 -14.87 24.49 22.26
C GLY C 47 -15.03 24.39 20.76
N TYR C 48 -14.60 25.44 20.07
CA TYR C 48 -14.83 25.57 18.63
C TYR C 48 -13.50 25.68 17.89
N LEU C 49 -12.46 26.04 18.63
CA LEU C 49 -11.14 26.31 18.08
C LEU C 49 -10.11 25.40 18.69
N MET C 50 -9.63 24.44 17.92
CA MET C 50 -8.72 23.45 18.47
C MET C 50 -7.51 24.07 19.13
N PHE C 51 -6.93 25.08 18.49
CA PHE C 51 -5.77 25.75 19.04
C PHE C 51 -6.13 27.19 19.45
N GLN C 52 -7.40 27.43 19.73
CA GLN C 52 -7.86 28.74 20.22
C GLN C 52 -7.57 29.84 19.20
N GLN C 53 -7.50 29.46 17.94
CA GLN C 53 -7.23 30.40 16.86
C GLN C 53 -8.26 30.33 15.75
N VAL C 54 -8.32 31.40 14.97
CA VAL C 54 -8.96 31.35 13.66
C VAL C 54 -7.86 31.68 12.63
N PRO C 55 -8.12 31.43 11.34
CA PRO C 55 -9.36 30.98 10.69
C PRO C 55 -9.96 29.70 11.24
N MET C 56 -11.29 29.67 11.30
CA MET C 56 -12.02 28.43 11.49
C MET C 56 -13.15 28.39 10.47
N VAL C 57 -13.40 27.21 9.92
CA VAL C 57 -14.48 27.05 8.96
C VAL C 57 -15.36 25.87 9.36
N GLU C 58 -16.65 26.13 9.45
CA GLU C 58 -17.63 25.06 9.63
C GLU C 58 -17.98 24.48 8.28
N ILE C 59 -17.61 23.23 8.06
CA ILE C 59 -17.92 22.54 6.81
C ILE C 59 -18.12 21.05 7.07
N ASP C 60 -19.22 20.52 6.54
CA ASP C 60 -19.54 19.09 6.62
C ASP C 60 -19.39 18.49 8.02
N GLY C 61 -19.97 19.17 9.00
CA GLY C 61 -20.00 18.64 10.36
C GLY C 61 -18.71 18.87 11.11
N MET C 62 -17.71 19.40 10.42
CA MET C 62 -16.42 19.71 11.04
C MET C 62 -16.34 21.18 11.41
N LYS C 63 -15.55 21.47 12.44
CA LYS C 63 -15.11 22.82 12.70
C LYS C 63 -13.61 22.88 12.47
N LEU C 64 -13.21 23.15 11.22
CA LEU C 64 -11.81 23.08 10.81
C LEU C 64 -11.01 24.34 11.07
N VAL C 65 -9.92 24.20 11.82
CA VAL C 65 -8.98 25.31 11.92
C VAL C 65 -7.70 24.98 11.16
N GLN C 66 -6.82 25.98 11.09
CA GLN C 66 -5.56 25.92 10.37
C GLN C 66 -5.81 26.12 8.90
N THR C 67 -5.33 27.24 8.38
CA THR C 67 -5.52 27.62 6.97
C THR C 67 -5.27 26.46 6.00
N ARG C 68 -4.13 25.78 6.11
CA ARG C 68 -3.82 24.70 5.15
C ARG C 68 -4.78 23.53 5.24
N ALA C 69 -5.26 23.21 6.46
CA ALA C 69 -6.22 22.12 6.63
C ALA C 69 -7.53 22.39 5.92
N ILE C 70 -8.01 23.61 6.10
CA ILE C 70 -9.21 24.11 5.44
C ILE C 70 -9.11 24.06 3.91
N LEU C 71 -8.03 24.63 3.39
CA LEU C 71 -7.80 24.74 1.95
C LEU C 71 -7.60 23.35 1.30
N ASN C 72 -6.81 22.51 1.95
CA ASN C 72 -6.61 21.13 1.48
C ASN C 72 -7.94 20.40 1.40
N TYR C 73 -8.81 20.60 2.38
CA TYR C 73 -10.07 19.88 2.39
C TYR C 73 -10.93 20.34 1.23
N ILE C 74 -11.04 21.66 1.13
CA ILE C 74 -11.87 22.26 0.10
C ILE C 74 -11.37 21.88 -1.29
N ALA C 75 -10.06 21.99 -1.52
CA ALA C 75 -9.50 21.64 -2.83
C ALA C 75 -9.74 20.18 -3.20
N SER C 76 -9.63 19.24 -2.25
CA SER C 76 -9.92 17.84 -2.54
C SER C 76 -11.40 17.68 -2.86
N LYS C 77 -12.25 18.22 -2.00
CA LYS C 77 -13.68 18.00 -2.11
C LYS C 77 -14.20 18.43 -3.48
N TYR C 78 -13.69 19.54 -3.99
CA TYR C 78 -14.16 20.08 -5.27
C TYR C 78 -13.20 19.84 -6.43
N ASN C 79 -12.36 18.80 -6.32
CA ASN C 79 -11.56 18.36 -7.48
C ASN C 79 -10.63 19.44 -8.05
N LEU C 80 -10.04 20.24 -7.16
CA LEU C 80 -9.07 21.24 -7.55
C LEU C 80 -7.68 20.88 -6.99
N TYR C 81 -7.50 19.61 -6.64
CA TYR C 81 -6.23 19.17 -6.03
C TYR C 81 -5.52 18.10 -6.90
N GLY C 82 -5.75 18.14 -8.20
CA GLY C 82 -5.07 17.21 -9.10
C GLY C 82 -5.69 15.83 -9.11
N LYS C 83 -5.25 15.00 -10.04
CA LYS C 83 -5.84 13.68 -10.20
C LYS C 83 -5.11 12.55 -9.43
N ASP C 84 -3.88 12.81 -8.98
CA ASP C 84 -3.16 11.75 -8.27
C ASP C 84 -2.05 12.37 -7.37
N ILE C 85 -1.35 11.52 -6.62
CA ILE C 85 -0.44 12.07 -5.62
CA ILE C 85 -0.37 11.95 -5.63
C ILE C 85 0.75 12.78 -6.26
N LYS C 86 1.17 12.39 -7.46
CA LYS C 86 2.22 13.12 -8.17
C LYS C 86 1.78 14.50 -8.66
N GLU C 87 0.54 14.63 -9.14
CA GLU C 87 0.08 15.97 -9.47
C GLU C 87 -0.06 16.81 -8.21
N ARG C 88 -0.56 16.21 -7.13
CA ARG C 88 -0.69 16.94 -5.87
CA ARG C 88 -0.69 16.94 -5.86
C ARG C 88 0.67 17.46 -5.39
N ALA C 89 1.72 16.68 -5.66
CA ALA C 89 3.07 17.05 -5.24
C ALA C 89 3.53 18.30 -5.97
N LEU C 90 3.29 18.34 -7.28
CA LEU C 90 3.53 19.56 -8.06
C LEU C 90 2.76 20.75 -7.55
N ILE C 91 1.45 20.54 -7.36
CA ILE C 91 0.57 21.57 -6.83
C ILE C 91 1.08 22.09 -5.48
N ASP C 92 1.43 21.16 -4.59
CA ASP C 92 1.88 21.50 -3.24
C ASP C 92 3.14 22.33 -3.31
N MET C 93 4.10 21.89 -4.12
CA MET C 93 5.34 22.64 -4.29
C MET C 93 5.08 24.07 -4.81
N TYR C 94 4.24 24.22 -5.85
CA TYR C 94 3.96 25.55 -6.37
C TYR C 94 3.26 26.41 -5.31
N ILE C 95 2.22 25.88 -4.68
CA ILE C 95 1.44 26.72 -3.79
C ILE C 95 2.15 27.00 -2.45
N GLU C 96 3.12 26.17 -2.06
CA GLU C 96 3.92 26.52 -0.89
C GLU C 96 4.90 27.68 -1.20
N GLY C 97 5.40 27.76 -2.42
CA GLY C 97 6.17 28.94 -2.83
C GLY C 97 5.27 30.17 -2.79
N ILE C 98 4.04 30.02 -3.28
CA ILE C 98 3.03 31.08 -3.23
C ILE C 98 2.74 31.46 -1.76
N ALA C 99 2.67 30.48 -0.87
CA ALA C 99 2.41 30.78 0.54
C ALA C 99 3.57 31.56 1.18
N ASP C 100 4.80 31.23 0.82
CA ASP C 100 5.96 31.95 1.35
C ASP C 100 5.94 33.42 0.98
N LEU C 101 5.62 33.70 -0.29
CA LEU C 101 5.64 35.07 -0.78
C LEU C 101 4.47 35.82 -0.16
N GLY C 102 3.34 35.13 -0.07
CA GLY C 102 2.11 35.67 0.48
C GLY C 102 2.25 36.03 1.95
N GLU C 103 3.03 35.25 2.67
CA GLU C 103 3.27 35.49 4.09
C GLU C 103 4.10 36.77 4.30
N MET C 104 5.10 36.99 3.45
CA MET C 104 5.92 38.18 3.52
C MET C 104 5.01 39.39 3.35
N ILE C 105 4.18 39.34 2.32
CA ILE C 105 3.26 40.42 2.02
C ILE C 105 2.21 40.57 3.10
N LEU C 106 1.65 39.47 3.57
CA LEU C 106 0.63 39.49 4.63
C LEU C 106 1.07 40.25 5.87
N LEU C 107 2.34 40.12 6.22
CA LEU C 107 2.85 40.67 7.48
C LEU C 107 3.60 41.99 7.31
N LEU C 108 3.55 42.56 6.11
CA LEU C 108 4.30 43.78 5.81
C LEU C 108 3.95 44.95 6.73
N PRO C 109 2.64 45.19 6.98
CA PRO C 109 2.21 46.35 7.80
C PRO C 109 2.70 46.34 9.25
N VAL C 110 2.74 45.16 9.88
CA VAL C 110 3.12 45.04 11.29
C VAL C 110 4.64 45.15 11.50
N PRO C 112 8.11 47.31 11.98
CA PRO C 112 8.58 48.59 12.52
C PRO C 112 8.69 49.67 11.43
N PRO C 113 8.17 50.87 11.72
CA PRO C 113 7.81 51.92 10.75
C PRO C 113 8.95 52.45 9.88
N GLU C 114 10.12 51.81 9.90
CA GLU C 114 11.21 52.15 8.98
C GLU C 114 11.67 50.95 8.16
N GLU C 115 11.66 49.77 8.77
CA GLU C 115 11.93 48.52 8.07
C GLU C 115 10.95 48.36 6.90
N LYS C 116 9.69 48.68 7.18
CA LYS C 116 8.58 48.65 6.24
C LYS C 116 9.00 48.99 4.81
N ASP C 117 9.79 50.04 4.67
CA ASP C 117 10.19 50.51 3.36
C ASP C 117 11.17 49.51 2.71
N ALA C 118 12.07 48.97 3.52
CA ALA C 118 13.08 48.03 3.02
C ALA C 118 12.59 46.59 2.96
N LYS C 119 11.60 46.27 3.79
CA LYS C 119 10.98 44.95 3.76
C LYS C 119 10.28 44.75 2.41
N LEU C 120 9.55 45.78 1.99
CA LEU C 120 8.86 45.79 0.71
C LEU C 120 9.86 45.60 -0.44
N ALA C 121 11.00 46.26 -0.35
CA ALA C 121 12.04 46.20 -1.37
C ALA C 121 12.55 44.78 -1.61
N LEU C 122 12.73 44.04 -0.52
CA LEU C 122 13.20 42.67 -0.61
C LEU C 122 12.15 41.81 -1.33
N ILE C 123 10.89 42.02 -0.97
CA ILE C 123 9.76 41.30 -1.54
C ILE C 123 9.69 41.50 -3.05
N LYS C 124 9.86 42.75 -3.49
CA LYS C 124 9.86 43.04 -4.92
C LYS C 124 10.98 42.29 -5.64
N GLU C 125 12.16 42.29 -5.02
CA GLU C 125 13.29 41.59 -5.59
C GLU C 125 13.03 40.09 -5.70
N LYS C 126 12.45 39.50 -4.66
CA LYS C 126 12.16 38.07 -4.66
C LYS C 126 11.08 37.74 -5.72
N ILE C 127 10.07 38.59 -5.83
CA ILE C 127 9.07 38.45 -6.88
C ILE C 127 9.74 38.45 -8.25
N LYS C 128 10.56 39.46 -8.51
CA LYS C 128 11.11 39.64 -9.85
C LYS C 128 12.14 38.57 -10.20
N ASN C 129 12.92 38.16 -9.21
CA ASN C 129 14.05 37.27 -9.45
C ASN C 129 13.85 35.82 -9.03
N ARG C 130 12.88 35.56 -8.16
CA ARG C 130 12.71 34.21 -7.63
C ARG C 130 11.36 33.59 -7.99
N TYR C 131 10.30 34.22 -7.52
CA TYR C 131 8.98 33.61 -7.67
C TYR C 131 8.34 33.70 -9.05
N PHE C 132 8.33 34.87 -9.67
CA PHE C 132 7.67 34.99 -10.97
C PHE C 132 8.41 34.15 -12.02
N PRO C 133 9.76 34.19 -12.01
CA PRO C 133 10.53 33.34 -12.92
C PRO C 133 10.22 31.85 -12.76
N ALA C 134 10.00 31.39 -11.53
CA ALA C 134 9.73 29.97 -11.30
C ALA C 134 8.44 29.56 -11.95
N PHE C 135 7.41 30.37 -11.78
CA PHE C 135 6.09 30.05 -12.31
C PHE C 135 6.02 30.22 -13.82
N GLU C 136 6.66 31.26 -14.34
CA GLU C 136 6.77 31.44 -15.79
C GLU C 136 7.45 30.21 -16.43
N LYS C 137 8.49 29.71 -15.77
CA LYS C 137 9.20 28.52 -16.24
C LYS C 137 8.31 27.28 -16.30
N VAL C 138 7.45 27.07 -15.30
CA VAL C 138 6.51 25.96 -15.34
C VAL C 138 5.54 26.11 -16.52
N LEU C 139 4.99 27.30 -16.67
CA LEU C 139 4.03 27.53 -17.75
C LEU C 139 4.67 27.36 -19.11
N LYS C 140 5.89 27.86 -19.25
CA LYS C 140 6.61 27.76 -20.52
C LYS C 140 7.01 26.32 -20.80
N SER C 141 7.13 25.50 -19.76
CA SER C 141 7.61 24.14 -19.95
C SER C 141 6.61 23.21 -20.63
N HIS C 142 5.31 23.40 -20.39
CA HIS C 142 4.36 22.51 -21.02
C HIS C 142 3.43 23.26 -21.97
N GLY C 143 3.47 24.59 -21.93
CA GLY C 143 2.68 25.40 -22.84
C GLY C 143 1.17 25.25 -22.69
N GLN C 144 0.73 24.70 -21.57
CA GLN C 144 -0.71 24.49 -21.34
C GLN C 144 -1.35 25.66 -20.58
N ASP C 145 -2.68 25.69 -20.55
CA ASP C 145 -3.40 26.84 -19.98
C ASP C 145 -3.44 26.83 -18.47
N TYR C 146 -3.07 25.69 -17.88
CA TYR C 146 -3.12 25.54 -16.42
C TYR C 146 -1.78 25.08 -15.89
N LEU C 147 -1.51 25.35 -14.61
CA LEU C 147 -0.22 24.97 -14.04
C LEU C 147 0.05 23.47 -14.06
N VAL C 148 -0.95 22.69 -13.65
CA VAL C 148 -0.82 21.26 -13.44
C VAL C 148 -1.97 20.43 -14.03
N GLY C 149 -1.60 19.41 -14.78
CA GLY C 149 -2.52 18.36 -15.18
C GLY C 149 -3.42 18.77 -16.33
N ASN C 150 -3.06 19.90 -16.93
CA ASN C 150 -3.86 20.50 -18.01
C ASN C 150 -5.33 20.66 -17.61
N LYS C 151 -5.55 21.18 -16.41
CA LYS C 151 -6.90 21.27 -15.87
C LYS C 151 -6.87 22.25 -14.72
N LEU C 152 -7.95 23.02 -14.53
CA LEU C 152 -8.01 24.00 -13.44
C LEU C 152 -7.66 23.34 -12.10
N SER C 153 -6.79 23.97 -11.31
CA SER C 153 -6.56 23.48 -9.95
C SER C 153 -6.42 24.64 -8.98
N ARG C 154 -6.32 24.34 -7.69
CA ARG C 154 -6.10 25.38 -6.70
C ARG C 154 -4.81 26.14 -6.97
N ALA C 155 -3.85 25.51 -7.65
CA ALA C 155 -2.59 26.21 -7.90
C ALA C 155 -2.83 27.43 -8.80
N ASP C 156 -3.67 27.25 -9.82
CA ASP C 156 -4.04 28.38 -10.68
C ASP C 156 -4.73 29.47 -9.87
N ILE C 157 -5.65 29.08 -9.00
CA ILE C 157 -6.42 30.03 -8.20
C ILE C 157 -5.51 30.74 -7.21
N HIS C 158 -4.73 30.00 -6.43
CA HIS C 158 -3.84 30.64 -5.49
C HIS C 158 -2.83 31.57 -6.19
N LEU C 159 -2.30 31.17 -7.34
CA LEU C 159 -1.33 32.02 -8.02
C LEU C 159 -1.97 33.32 -8.55
N VAL C 160 -3.15 33.22 -9.14
CA VAL C 160 -3.79 34.45 -9.66
C VAL C 160 -4.18 35.39 -8.51
N GLU C 161 -4.66 34.83 -7.40
CA GLU C 161 -4.95 35.67 -6.24
C GLU C 161 -3.70 36.48 -5.84
N LEU C 162 -2.57 35.79 -5.73
CA LEU C 162 -1.28 36.45 -5.49
C LEU C 162 -0.91 37.48 -6.58
N LEU C 163 -1.18 37.18 -7.84
CA LEU C 163 -0.88 38.15 -8.90
C LEU C 163 -1.66 39.44 -8.67
N TYR C 164 -2.87 39.34 -8.14
CA TYR C 164 -3.62 40.58 -7.84
C TYR C 164 -2.99 41.38 -6.69
N TYR C 165 -2.55 40.71 -5.61
CA TYR C 165 -1.88 41.42 -4.51
C TYR C 165 -0.59 42.03 -4.97
N VAL C 166 0.15 41.34 -5.83
CA VAL C 166 1.39 41.91 -6.35
C VAL C 166 1.11 43.15 -7.19
N GLU C 167 0.00 43.15 -7.92
CA GLU C 167 -0.36 44.30 -8.76
C GLU C 167 -0.64 45.52 -7.90
N GLU C 168 -1.35 45.30 -6.80
CA GLU C 168 -1.55 46.30 -5.75
C GLU C 168 -0.22 46.89 -5.25
N LEU C 169 0.82 46.07 -5.13
CA LEU C 169 2.13 46.57 -4.66
C LEU C 169 2.90 47.32 -5.72
N ASP C 170 2.83 46.79 -6.94
CA ASP C 170 3.60 47.31 -8.06
C ASP C 170 3.15 46.60 -9.31
N SER C 171 2.44 47.34 -10.16
CA SER C 171 1.87 46.79 -11.39
C SER C 171 2.90 46.48 -12.47
N SER C 172 4.11 47.01 -12.33
CA SER C 172 5.18 46.71 -13.30
C SER C 172 5.85 45.34 -13.08
N LEU C 173 5.70 44.79 -11.88
CA LEU C 173 6.42 43.56 -11.52
C LEU C 173 6.12 42.39 -12.47
N ILE C 174 4.88 42.28 -12.91
CA ILE C 174 4.50 41.18 -13.79
C ILE C 174 4.86 41.44 -15.26
N SER C 175 5.26 42.67 -15.60
CA SER C 175 5.32 43.08 -17.01
C SER C 175 6.22 42.21 -17.88
N SER C 176 7.32 41.70 -17.33
CA SER C 176 8.23 40.85 -18.10
C SER C 176 7.80 39.37 -18.15
N PHE C 177 6.63 39.06 -17.61
CA PHE C 177 6.20 37.66 -17.54
C PHE C 177 4.89 37.43 -18.28
N PRO C 178 4.99 37.25 -19.61
CA PRO C 178 3.85 37.14 -20.52
C PRO C 178 2.90 35.98 -20.20
N LEU C 179 3.45 34.82 -19.85
CA LEU C 179 2.62 33.68 -19.52
C LEU C 179 1.85 33.93 -18.22
N LEU C 180 2.48 34.61 -17.26
CA LEU C 180 1.78 34.92 -16.03
C LEU C 180 0.61 35.86 -16.31
N LYS C 181 0.84 36.87 -17.13
CA LYS C 181 -0.23 37.79 -17.54
C LYS C 181 -1.38 37.04 -18.21
N ALA C 182 -1.04 36.11 -19.10
CA ALA C 182 -2.05 35.37 -19.85
C ALA C 182 -2.90 34.52 -18.89
N LEU C 183 -2.24 33.83 -17.97
CA LEU C 183 -2.95 33.07 -16.96
C LEU C 183 -3.86 33.97 -16.13
N LYS C 184 -3.37 35.14 -15.73
CA LYS C 184 -4.18 36.03 -14.91
C LYS C 184 -5.46 36.39 -15.65
N THR C 185 -5.30 36.67 -16.93
CA THR C 185 -6.43 37.02 -17.78
C THR C 185 -7.39 35.83 -17.93
N ARG C 186 -6.86 34.64 -18.27
CA ARG C 186 -7.73 33.48 -18.45
C ARG C 186 -8.49 33.13 -17.19
N ILE C 187 -7.77 33.03 -16.07
CA ILE C 187 -8.42 32.64 -14.83
C ILE C 187 -9.40 33.72 -14.37
N SER C 188 -9.05 34.99 -14.54
CA SER C 188 -9.95 36.06 -14.13
C SER C 188 -11.27 36.08 -14.94
N ASN C 189 -11.28 35.39 -16.08
CA ASN C 189 -12.47 35.33 -16.94
C ASN C 189 -13.32 34.06 -16.81
N LEU C 190 -12.87 33.10 -15.99
CA LEU C 190 -13.76 32.04 -15.56
C LEU C 190 -14.95 32.71 -14.88
N PRO C 191 -16.17 32.29 -15.20
CA PRO C 191 -17.38 32.93 -14.64
C PRO C 191 -17.39 33.03 -13.11
N THR C 192 -16.97 31.98 -12.41
CA THR C 192 -16.94 32.02 -10.94
C THR C 192 -15.96 33.10 -10.45
N VAL C 193 -14.82 33.20 -11.12
CA VAL C 193 -13.76 34.10 -10.66
C VAL C 193 -14.07 35.54 -11.09
N LYS C 194 -14.63 35.69 -12.29
CA LYS C 194 -15.11 37.00 -12.76
C LYS C 194 -16.10 37.61 -11.79
N LYS C 195 -17.02 36.76 -11.33
CA LYS C 195 -18.06 37.13 -10.38
C LYS C 195 -17.47 37.58 -9.05
N PHE C 196 -16.46 36.84 -8.58
CA PHE C 196 -15.81 37.16 -7.32
C PHE C 196 -15.02 38.45 -7.41
N LEU C 197 -14.47 38.75 -8.58
CA LEU C 197 -13.67 39.94 -8.72
C LEU C 197 -14.56 41.18 -8.88
N GLN C 198 -15.84 40.97 -9.18
CA GLN C 198 -16.72 42.14 -9.41
C GLN C 198 -17.17 42.84 -8.12
N PRO C 199 -17.54 44.13 -8.23
CA PRO C 199 -17.90 44.87 -7.02
C PRO C 199 -19.04 44.20 -6.30
N GLY C 200 -19.02 44.28 -4.96
CA GLY C 200 -20.10 43.77 -4.16
C GLY C 200 -20.02 42.31 -3.78
N SER C 201 -18.96 41.61 -4.20
CA SER C 201 -18.75 40.22 -3.79
C SER C 201 -18.21 40.15 -2.37
N PRO C 202 -18.03 38.93 -1.83
CA PRO C 202 -17.40 38.78 -0.52
C PRO C 202 -15.90 39.01 -0.55
N ARG C 203 -15.35 39.36 -1.71
CA ARG C 203 -13.93 39.67 -1.78
C ARG C 203 -13.62 40.83 -0.84
N LYS C 204 -12.49 40.73 -0.12
CA LYS C 204 -12.13 41.77 0.87
C LYS C 204 -11.04 42.72 0.37
N PRO C 205 -11.08 44.00 0.84
CA PRO C 205 -10.11 45.03 0.47
C PRO C 205 -8.77 44.87 1.18
N PRO C 206 -7.71 45.51 0.66
CA PRO C 206 -6.44 45.53 1.40
C PRO C 206 -6.68 46.11 2.81
N MET C 207 -5.88 45.68 3.77
CA MET C 207 -6.05 46.15 5.13
C MET C 207 -5.69 47.63 5.28
N ASP C 208 -6.50 48.36 6.04
CA ASP C 208 -6.21 49.74 6.46
C ASP C 208 -5.92 49.78 7.97
N GLU C 209 -5.52 50.94 8.49
CA GLU C 209 -5.19 51.07 9.91
C GLU C 209 -6.40 50.75 10.79
N LYS C 210 -7.58 51.18 10.36
CA LYS C 210 -8.80 50.89 11.12
C LYS C 210 -9.02 49.38 11.26
N SER C 211 -9.04 48.68 10.13
CA SER C 211 -9.11 47.22 10.13
C SER C 211 -7.97 46.64 10.98
N LEU C 212 -6.78 47.24 10.88
CA LEU C 212 -5.61 46.77 11.62
C LEU C 212 -5.77 46.88 13.14
N GLU C 213 -6.35 48.00 13.59
CA GLU C 213 -6.57 48.20 15.02
C GLU C 213 -7.65 47.25 15.53
N GLU C 214 -8.57 46.88 14.66
CA GLU C 214 -9.57 45.87 15.00
C GLU C 214 -8.86 44.51 15.18
N ALA C 215 -7.73 44.35 14.50
CA ALA C 215 -6.95 43.10 14.54
C ALA C 215 -6.24 42.94 15.88
N ARG C 216 -5.48 43.97 16.26
CA ARG C 216 -4.86 44.03 17.58
C ARG C 216 -5.92 43.94 18.69
N LYS C 217 -7.08 44.57 18.47
CA LYS C 217 -8.16 44.56 19.45
C LYS C 217 -8.62 43.12 19.70
N ILE C 218 -9.12 42.47 18.66
CA ILE C 218 -9.67 41.13 18.78
C ILE C 218 -8.62 40.09 19.18
N PHE C 219 -7.45 40.13 18.55
CA PHE C 219 -6.46 39.06 18.73
C PHE C 219 -5.39 39.38 19.78
N ARG C 220 -5.36 40.63 20.24
CA ARG C 220 -4.50 41.01 21.36
C ARG C 220 -3.01 40.87 21.05
N PHE C 221 -2.56 41.48 19.96
CA PHE C 221 -1.13 41.52 19.67
C PHE C 221 -0.70 42.96 19.46
N ALA D 1 20.82 5.19 -7.05
CA ALA D 1 19.51 5.67 -7.49
C ALA D 1 18.39 5.03 -6.67
N GLU D 2 17.21 4.91 -7.29
CA GLU D 2 16.02 4.33 -6.65
CA GLU D 2 16.00 4.35 -6.67
C GLU D 2 15.66 5.01 -5.32
N LYS D 3 16.57 4.98 -4.36
CA LYS D 3 16.34 5.60 -3.04
C LYS D 3 16.08 7.09 -3.13
N PRO D 4 15.18 7.62 -2.27
CA PRO D 4 15.05 9.07 -2.15
C PRO D 4 16.37 9.71 -1.70
N LYS D 5 16.78 10.78 -2.37
CA LYS D 5 17.97 11.53 -1.99
C LYS D 5 17.59 12.84 -1.33
N LEU D 6 18.06 13.04 -0.10
CA LEU D 6 17.71 14.24 0.64
CA LEU D 6 17.72 14.24 0.65
C LEU D 6 18.82 15.27 0.50
N HIS D 7 18.46 16.44 -0.04
CA HIS D 7 19.42 17.52 -0.19
C HIS D 7 19.25 18.56 0.90
N TYR D 8 20.28 18.70 1.72
CA TYR D 8 20.20 19.63 2.85
C TYR D 8 21.58 19.76 3.46
N PHE D 9 21.73 20.61 4.47
CA PHE D 9 23.02 20.59 5.11
C PHE D 9 22.96 19.62 6.28
N ASN D 10 24.13 19.33 6.83
CA ASN D 10 24.21 18.32 7.88
C ASN D 10 23.69 18.86 9.20
N ALA D 11 22.36 18.87 9.34
CA ALA D 11 21.70 19.35 10.54
C ALA D 11 20.25 18.91 10.50
N ARG D 12 19.54 19.06 11.62
CA ARG D 12 18.10 18.85 11.67
C ARG D 12 17.36 19.82 10.74
N GLY D 13 17.42 21.10 11.11
CA GLY D 13 16.73 22.16 10.40
C GLY D 13 15.35 21.80 9.88
N ARG D 14 15.12 22.11 8.61
CA ARG D 14 13.82 21.86 7.97
C ARG D 14 13.71 20.48 7.32
N MET D 15 14.79 19.72 7.32
CA MET D 15 14.76 18.39 6.74
C MET D 15 14.48 17.27 7.75
N GLU D 16 14.55 17.57 9.06
CA GLU D 16 14.48 16.49 10.06
C GLU D 16 13.10 15.82 10.12
N SER D 17 12.02 16.58 9.90
CA SER D 17 10.72 15.96 9.95
C SER D 17 10.56 14.95 8.80
N THR D 18 11.23 15.19 7.68
CA THR D 18 11.22 14.22 6.57
C THR D 18 12.02 12.98 6.88
N ARG D 19 13.15 13.18 7.56
CA ARG D 19 13.95 12.05 7.96
C ARG D 19 13.11 11.14 8.86
N TRP D 20 12.46 11.74 9.86
CA TRP D 20 11.59 11.00 10.78
C TRP D 20 10.50 10.24 10.05
N LEU D 21 9.82 10.92 9.13
CA LEU D 21 8.72 10.29 8.41
C LEU D 21 9.15 9.08 7.54
N LEU D 22 10.21 9.24 6.75
CA LEU D 22 10.70 8.11 5.94
C LEU D 22 11.22 6.96 6.80
N ALA D 23 11.98 7.30 7.84
CA ALA D 23 12.46 6.28 8.76
C ALA D 23 11.27 5.53 9.36
N ALA D 24 10.28 6.26 9.86
CA ALA D 24 9.11 5.65 10.47
C ALA D 24 8.42 4.71 9.47
N ALA D 25 8.41 5.10 8.19
CA ALA D 25 7.75 4.30 7.17
C ALA D 25 8.62 3.12 6.71
N GLY D 26 9.83 3.03 7.24
CA GLY D 26 10.68 1.91 6.87
C GLY D 26 11.25 2.05 5.48
N VAL D 27 11.45 3.31 5.08
CA VAL D 27 11.93 3.60 3.76
C VAL D 27 13.38 4.03 3.82
N GLU D 28 14.23 3.32 3.08
CA GLU D 28 15.65 3.68 2.98
C GLU D 28 15.90 4.91 2.12
N PHE D 29 16.75 5.81 2.60
CA PHE D 29 17.11 7.01 1.84
C PHE D 29 18.60 7.35 1.92
N GLU D 30 19.05 8.17 0.99
CA GLU D 30 20.41 8.67 0.99
C GLU D 30 20.39 10.16 1.29
N GLU D 31 21.51 10.69 1.78
CA GLU D 31 21.59 12.12 2.03
C GLU D 31 22.76 12.68 1.22
N LYS D 32 22.59 13.88 0.68
CA LYS D 32 23.72 14.58 0.08
C LYS D 32 23.86 15.92 0.77
N PHE D 33 24.91 16.04 1.59
CA PHE D 33 25.04 17.22 2.44
C PHE D 33 25.63 18.41 1.69
N ILE D 34 24.93 19.52 1.79
CA ILE D 34 25.43 20.81 1.34
C ILE D 34 26.47 21.32 2.33
N LYS D 35 27.69 21.54 1.85
CA LYS D 35 28.81 21.87 2.73
C LYS D 35 29.17 23.36 2.74
N SER D 36 28.86 24.05 1.64
CA SER D 36 29.28 25.43 1.43
C SER D 36 28.22 26.22 0.68
N ALA D 37 28.35 27.54 0.64
CA ALA D 37 27.44 28.35 -0.15
C ALA D 37 27.59 28.03 -1.64
N GLU D 38 28.75 27.46 -2.00
CA GLU D 38 29.04 27.11 -3.39
C GLU D 38 28.25 25.87 -3.79
N ASP D 39 28.20 24.92 -2.87
CA ASP D 39 27.41 23.70 -2.99
C ASP D 39 25.97 24.03 -3.32
N LEU D 40 25.41 24.95 -2.53
CA LEU D 40 24.04 25.43 -2.71
C LEU D 40 23.87 26.11 -4.07
N ASP D 41 24.82 27.01 -4.37
CA ASP D 41 24.83 27.75 -5.65
C ASP D 41 24.77 26.83 -6.87
N LYS D 42 25.46 25.70 -6.80
CA LYS D 42 25.48 24.73 -7.89
C LYS D 42 24.11 24.08 -8.09
N LEU D 43 23.52 23.59 -7.00
CA LEU D 43 22.12 23.14 -7.00
C LEU D 43 21.22 24.19 -7.66
N ARG D 44 21.38 25.45 -7.25
CA ARG D 44 20.59 26.53 -7.81
C ARG D 44 20.83 26.72 -9.31
N ASN D 45 22.10 26.89 -9.67
CA ASN D 45 22.43 27.22 -11.05
C ASN D 45 22.10 26.07 -12.00
N ASP D 46 22.15 24.84 -11.49
CA ASP D 46 21.82 23.67 -12.29
C ASP D 46 20.31 23.41 -12.39
N GLY D 47 19.50 24.33 -11.84
CA GLY D 47 18.04 24.25 -11.99
C GLY D 47 17.33 23.17 -11.17
N TYR D 48 17.95 22.73 -10.09
CA TYR D 48 17.44 21.65 -9.24
C TYR D 48 16.42 22.11 -8.19
N LEU D 49 16.41 23.41 -7.91
CA LEU D 49 15.61 23.98 -6.83
C LEU D 49 14.61 25.00 -7.35
N MET D 50 13.33 24.66 -7.31
CA MET D 50 12.32 25.50 -7.95
C MET D 50 12.37 26.94 -7.44
N PHE D 51 12.52 27.15 -6.13
CA PHE D 51 12.56 28.51 -5.56
C PHE D 51 13.94 28.81 -4.93
N GLN D 52 14.95 28.10 -5.40
CA GLN D 52 16.33 28.38 -5.04
C GLN D 52 16.64 28.08 -3.57
N GLN D 53 15.86 27.17 -2.98
CA GLN D 53 15.97 26.81 -1.57
C GLN D 53 16.04 25.31 -1.42
N VAL D 54 16.63 24.85 -0.32
CA VAL D 54 16.40 23.50 0.15
C VAL D 54 15.54 23.68 1.41
N PRO D 55 14.95 22.58 1.93
CA PRO D 55 15.06 21.17 1.52
C PRO D 55 14.65 20.91 0.08
N MET D 56 15.30 19.93 -0.53
CA MET D 56 14.86 19.32 -1.78
C MET D 56 15.01 17.80 -1.62
N VAL D 57 14.06 17.06 -2.16
CA VAL D 57 14.18 15.61 -2.16
C VAL D 57 13.94 15.09 -3.56
N GLU D 58 14.88 14.29 -4.07
CA GLU D 58 14.66 13.58 -5.32
C GLU D 58 13.95 12.30 -5.01
N ILE D 59 12.73 12.16 -5.54
CA ILE D 59 11.92 11.00 -5.25
C ILE D 59 10.94 10.79 -6.38
N ASP D 60 10.89 9.55 -6.85
CA ASP D 60 9.98 9.13 -7.90
C ASP D 60 10.08 10.01 -9.14
N GLY D 61 11.31 10.34 -9.52
CA GLY D 61 11.56 11.16 -10.70
C GLY D 61 11.35 12.66 -10.53
N MET D 62 11.01 13.08 -9.32
CA MET D 62 10.75 14.51 -9.07
C MET D 62 11.88 15.14 -8.27
N LYS D 63 12.09 16.42 -8.49
CA LYS D 63 12.93 17.21 -7.61
C LYS D 63 12.04 18.10 -6.73
N LEU D 64 11.54 17.52 -5.64
CA LEU D 64 10.54 18.19 -4.80
C LEU D 64 11.16 19.14 -3.79
N VAL D 65 10.83 20.42 -3.88
CA VAL D 65 11.16 21.37 -2.81
C VAL D 65 9.90 21.74 -2.04
N GLN D 66 10.09 22.54 -0.99
CA GLN D 66 9.02 22.91 -0.03
C GLN D 66 8.74 21.77 0.91
N THR D 67 9.03 22.01 2.18
CA THR D 67 8.90 21.00 3.23
C THR D 67 7.54 20.31 3.16
N ARG D 68 6.47 21.08 3.06
CA ARG D 68 5.13 20.47 3.12
C ARG D 68 4.79 19.65 1.87
N ALA D 69 5.28 20.07 0.70
CA ALA D 69 5.09 19.26 -0.52
C ALA D 69 5.76 17.89 -0.41
N ILE D 70 7.01 17.89 0.05
CA ILE D 70 7.77 16.66 0.29
C ILE D 70 7.05 15.72 1.25
N LEU D 71 6.64 16.26 2.40
CA LEU D 71 5.97 15.47 3.44
C LEU D 71 4.60 14.93 3.02
N ASN D 72 3.79 15.78 2.39
CA ASN D 72 2.47 15.35 1.88
C ASN D 72 2.63 14.18 0.92
N TYR D 73 3.62 14.27 0.04
CA TYR D 73 3.84 13.20 -0.96
C TYR D 73 4.24 11.91 -0.26
N ILE D 74 5.27 11.99 0.59
CA ILE D 74 5.73 10.82 1.33
C ILE D 74 4.61 10.23 2.17
N ALA D 75 3.84 11.09 2.84
CA ALA D 75 2.80 10.56 3.70
C ALA D 75 1.74 9.77 2.90
N SER D 76 1.32 10.32 1.76
CA SER D 76 0.33 9.64 0.91
C SER D 76 0.92 8.34 0.37
N LYS D 77 2.17 8.40 -0.09
CA LYS D 77 2.80 7.24 -0.75
C LYS D 77 2.85 6.05 0.20
N TYR D 78 3.14 6.28 1.47
CA TYR D 78 3.29 5.17 2.41
C TYR D 78 2.11 5.01 3.38
N ASN D 79 0.94 5.40 2.90
CA ASN D 79 -0.33 5.26 3.64
C ASN D 79 -0.32 5.82 5.07
N LEU D 80 0.33 6.97 5.24
CA LEU D 80 0.37 7.63 6.53
C LEU D 80 -0.45 8.93 6.54
N TYR D 81 -1.36 9.09 5.58
CA TYR D 81 -2.10 10.36 5.48
C TYR D 81 -3.61 10.12 5.64
N GLY D 82 -4.00 9.13 6.41
CA GLY D 82 -5.39 8.80 6.63
C GLY D 82 -6.01 8.01 5.47
N LYS D 83 -7.27 7.61 5.58
CA LYS D 83 -7.87 6.77 4.53
C LYS D 83 -8.90 7.50 3.68
N ASP D 84 -9.18 8.74 4.05
CA ASP D 84 -10.13 9.57 3.31
C ASP D 84 -9.97 11.06 3.58
N ILE D 85 -10.70 11.85 2.80
CA ILE D 85 -10.68 13.30 2.87
C ILE D 85 -10.92 13.84 4.28
N LYS D 86 -11.81 13.20 5.02
CA LYS D 86 -12.12 13.71 6.34
C LYS D 86 -11.02 13.40 7.35
N GLU D 87 -10.44 12.20 7.28
CA GLU D 87 -9.29 11.90 8.10
C GLU D 87 -8.13 12.83 7.76
N ARG D 88 -7.93 13.13 6.47
CA ARG D 88 -6.83 14.02 6.10
CA ARG D 88 -6.85 14.02 6.08
C ARG D 88 -7.04 15.40 6.71
N ALA D 89 -8.29 15.80 6.85
CA ALA D 89 -8.60 17.10 7.43
C ALA D 89 -8.19 17.15 8.92
N LEU D 90 -8.48 16.09 9.66
CA LEU D 90 -8.03 16.02 11.06
C LEU D 90 -6.50 16.00 11.15
N ILE D 91 -5.89 15.14 10.34
CA ILE D 91 -4.44 15.07 10.28
C ILE D 91 -3.80 16.43 9.96
N ASP D 92 -4.31 17.08 8.92
CA ASP D 92 -3.81 18.37 8.55
C ASP D 92 -3.93 19.39 9.69
N MET D 93 -5.08 19.40 10.34
CA MET D 93 -5.32 20.33 11.44
C MET D 93 -4.30 20.09 12.55
N TYR D 94 -4.17 18.84 12.94
CA TYR D 94 -3.22 18.50 14.00
C TYR D 94 -1.79 18.87 13.64
N ILE D 95 -1.35 18.54 12.42
CA ILE D 95 0.06 18.72 12.10
C ILE D 95 0.44 20.14 11.77
N GLU D 96 -0.53 20.96 11.36
CA GLU D 96 -0.26 22.39 11.17
C GLU D 96 -0.08 23.08 12.56
N GLY D 97 -0.79 22.60 13.58
CA GLY D 97 -0.55 23.06 14.93
C GLY D 97 0.87 22.72 15.37
N ILE D 98 1.26 21.47 15.13
CA ILE D 98 2.63 21.01 15.39
C ILE D 98 3.64 21.85 14.62
N ALA D 99 3.35 22.13 13.35
CA ALA D 99 4.21 22.97 12.54
C ALA D 99 4.44 24.34 13.18
N ASP D 100 3.38 24.93 13.72
CA ASP D 100 3.43 26.27 14.29
C ASP D 100 4.37 26.28 15.49
N LEU D 101 4.17 25.33 16.39
CA LEU D 101 5.06 25.13 17.54
C LEU D 101 6.48 24.81 17.12
N GLY D 102 6.63 23.80 16.27
CA GLY D 102 7.92 23.41 15.76
C GLY D 102 8.68 24.56 15.16
N GLU D 103 7.95 25.47 14.50
CA GLU D 103 8.58 26.61 13.82
C GLU D 103 9.14 27.60 14.85
N MET D 104 8.37 27.83 15.91
CA MET D 104 8.81 28.63 17.05
C MET D 104 10.11 28.08 17.63
N ILE D 105 10.12 26.80 17.96
CA ILE D 105 11.30 26.15 18.54
C ILE D 105 12.48 26.18 17.56
N LEU D 106 12.17 25.93 16.30
CA LEU D 106 13.20 25.88 15.26
C LEU D 106 14.05 27.16 15.14
N LEU D 107 13.41 28.32 15.30
CA LEU D 107 14.08 29.60 15.04
C LEU D 107 14.58 30.31 16.31
N LEU D 108 14.42 29.68 17.47
CA LEU D 108 14.84 30.30 18.73
C LEU D 108 16.34 30.67 18.74
N PRO D 109 17.21 29.81 18.18
CA PRO D 109 18.64 30.12 18.11
C PRO D 109 18.99 31.32 17.24
N VAL D 110 18.01 31.98 16.64
CA VAL D 110 18.29 33.16 15.84
C VAL D 110 17.38 34.30 16.26
N PRO D 112 17.08 37.62 18.44
CA PRO D 112 17.97 38.62 19.03
C PRO D 112 18.31 38.26 20.48
N PRO D 113 19.62 38.25 20.82
CA PRO D 113 20.16 37.90 22.14
C PRO D 113 19.37 38.49 23.31
N GLU D 114 18.68 39.60 23.07
CA GLU D 114 17.89 40.26 24.11
C GLU D 114 16.40 39.94 23.98
N GLU D 115 16.05 39.07 23.04
CA GLU D 115 14.66 38.65 22.87
C GLU D 115 14.46 37.19 23.26
N LYS D 116 15.57 36.47 23.43
CA LYS D 116 15.57 35.02 23.62
C LYS D 116 14.68 34.54 24.76
N ASP D 117 14.91 35.07 25.96
CA ASP D 117 14.19 34.60 27.14
C ASP D 117 12.69 34.88 27.05
N ALA D 118 12.33 36.03 26.50
CA ALA D 118 10.91 36.33 26.26
C ALA D 118 10.32 35.28 25.33
N LYS D 119 11.02 35.00 24.24
CA LYS D 119 10.57 34.06 23.23
C LYS D 119 10.41 32.68 23.86
N LEU D 120 11.51 32.17 24.41
CA LEU D 120 11.53 30.89 25.10
C LEU D 120 10.42 30.79 26.15
N ALA D 121 10.15 31.88 26.86
CA ALA D 121 9.09 31.87 27.86
C ALA D 121 7.71 31.72 27.21
N LEU D 122 7.55 32.32 26.03
CA LEU D 122 6.27 32.25 25.36
C LEU D 122 6.04 30.85 24.82
N ILE D 123 7.09 30.26 24.25
CA ILE D 123 7.04 28.88 23.76
C ILE D 123 6.57 27.93 24.87
N LYS D 124 7.20 28.00 26.04
CA LYS D 124 6.84 27.11 27.14
C LYS D 124 5.39 27.34 27.58
N GLU D 125 4.95 28.58 27.59
CA GLU D 125 3.59 28.85 27.99
C GLU D 125 2.58 28.29 26.98
N LYS D 126 2.90 28.43 25.70
CA LYS D 126 2.06 27.82 24.66
C LYS D 126 2.07 26.30 24.74
N ILE D 127 3.25 25.71 24.94
CA ILE D 127 3.32 24.25 25.08
C ILE D 127 2.36 23.83 26.18
N LYS D 128 2.53 24.43 27.36
CA LYS D 128 1.77 24.10 28.54
C LYS D 128 0.27 24.38 28.43
N ASN D 129 -0.11 25.52 27.86
CA ASN D 129 -1.50 25.95 27.92
C ASN D 129 -2.31 25.80 26.62
N ARG D 130 -1.63 25.55 25.51
CA ARG D 130 -2.34 25.53 24.24
C ARG D 130 -2.14 24.23 23.45
N TYR D 131 -0.90 23.87 23.20
CA TYR D 131 -0.64 22.77 22.28
C TYR D 131 -0.77 21.43 22.99
N PHE D 132 -0.11 21.25 24.14
CA PHE D 132 -0.18 19.94 24.77
C PHE D 132 -1.59 19.62 25.24
N PRO D 133 -2.32 20.61 25.78
CA PRO D 133 -3.72 20.32 26.11
C PRO D 133 -4.59 19.94 24.89
N ALA D 134 -4.33 20.53 23.73
CA ALA D 134 -5.08 20.22 22.51
C ALA D 134 -4.90 18.75 22.13
N PHE D 135 -3.66 18.30 22.19
CA PHE D 135 -3.36 16.93 21.77
C PHE D 135 -3.74 15.90 22.83
N GLU D 136 -3.56 16.25 24.10
CA GLU D 136 -4.03 15.35 25.18
C GLU D 136 -5.53 15.09 25.04
N LYS D 137 -6.27 16.16 24.72
CA LYS D 137 -7.72 16.08 24.60
C LYS D 137 -8.14 15.15 23.46
N VAL D 138 -7.45 15.26 22.32
CA VAL D 138 -7.71 14.40 21.19
C VAL D 138 -7.50 12.95 21.61
N LEU D 139 -6.36 12.67 22.22
CA LEU D 139 -6.07 11.31 22.64
C LEU D 139 -7.11 10.84 23.66
N LYS D 140 -7.51 11.76 24.53
CA LYS D 140 -8.52 11.50 25.54
C LYS D 140 -9.89 11.20 24.93
N SER D 141 -10.23 11.88 23.84
CA SER D 141 -11.56 11.78 23.26
C SER D 141 -11.90 10.39 22.75
N HIS D 142 -10.90 9.62 22.35
CA HIS D 142 -11.19 8.30 21.78
C HIS D 142 -10.43 7.17 22.48
N GLY D 143 -9.44 7.54 23.29
CA GLY D 143 -8.69 6.57 24.07
C GLY D 143 -7.88 5.56 23.26
N GLN D 144 -7.76 5.77 21.96
CA GLN D 144 -7.03 4.84 21.10
C GLN D 144 -5.54 5.16 21.01
N ASP D 145 -4.76 4.23 20.46
CA ASP D 145 -3.30 4.37 20.52
C ASP D 145 -2.75 5.40 19.52
N TYR D 146 -3.54 5.73 18.51
CA TYR D 146 -3.12 6.64 17.45
C TYR D 146 -4.03 7.85 17.35
N LEU D 147 -3.50 8.98 16.91
CA LEU D 147 -4.28 10.21 16.89
C LEU D 147 -5.49 10.11 15.97
N VAL D 148 -5.32 9.49 14.81
CA VAL D 148 -6.42 9.45 13.84
C VAL D 148 -6.67 8.06 13.31
N GLY D 149 -7.94 7.70 13.21
CA GLY D 149 -8.33 6.46 12.56
C GLY D 149 -7.87 5.16 13.18
N ASN D 150 -7.49 5.18 14.46
CA ASN D 150 -6.96 3.99 15.13
C ASN D 150 -5.84 3.31 14.34
N LYS D 151 -5.00 4.13 13.70
CA LYS D 151 -3.97 3.65 12.79
C LYS D 151 -2.81 4.64 12.70
N LEU D 152 -1.56 4.15 12.77
CA LEU D 152 -0.39 5.03 12.62
C LEU D 152 -0.55 5.98 11.41
N SER D 153 -0.39 7.28 11.66
CA SER D 153 -0.35 8.27 10.59
C SER D 153 0.81 9.23 10.82
N ARG D 154 1.07 10.08 9.85
CA ARG D 154 2.09 11.10 10.03
C ARG D 154 1.87 11.97 11.27
N ALA D 155 0.61 12.12 11.71
CA ALA D 155 0.32 12.97 12.87
C ALA D 155 1.01 12.39 14.11
N ASP D 156 0.97 11.07 14.26
CA ASP D 156 1.64 10.42 15.38
C ASP D 156 3.16 10.64 15.33
N ILE D 157 3.71 10.49 14.13
CA ILE D 157 5.15 10.62 13.92
CA ILE D 157 5.15 10.61 13.92
C ILE D 157 5.61 12.06 14.15
N HIS D 158 4.95 13.03 13.50
CA HIS D 158 5.33 14.43 13.68
C HIS D 158 5.16 14.85 15.15
N LEU D 159 4.10 14.38 15.80
CA LEU D 159 3.86 14.80 17.18
C LEU D 159 4.96 14.25 18.09
N VAL D 160 5.26 12.97 17.96
CA VAL D 160 6.28 12.36 18.83
C VAL D 160 7.67 12.95 18.58
N GLU D 161 8.00 13.27 17.32
CA GLU D 161 9.22 14.02 17.03
C GLU D 161 9.28 15.31 17.89
N LEU D 162 8.17 16.05 17.87
CA LEU D 162 8.06 17.29 18.62
C LEU D 162 8.21 17.08 20.11
N LEU D 163 7.62 16.01 20.64
CA LEU D 163 7.75 15.67 22.07
C LEU D 163 9.23 15.51 22.46
N TYR D 164 10.03 14.92 21.58
CA TYR D 164 11.47 14.80 21.86
C TYR D 164 12.18 16.18 21.89
N TYR D 165 11.76 17.13 21.05
CA TYR D 165 12.38 18.46 21.06
C TYR D 165 11.98 19.20 22.30
N VAL D 166 10.72 19.02 22.69
CA VAL D 166 10.20 19.66 23.88
C VAL D 166 10.93 19.09 25.10
N GLU D 167 11.31 17.82 25.03
CA GLU D 167 12.06 17.15 26.11
C GLU D 167 13.49 17.68 26.21
N GLU D 168 14.12 17.97 25.07
CA GLU D 168 15.45 18.56 25.08
C GLU D 168 15.37 19.94 25.69
N LEU D 169 14.25 20.60 25.43
CA LEU D 169 14.00 21.96 25.90
C LEU D 169 13.80 22.01 27.40
N ASP D 170 12.81 21.24 27.86
CA ASP D 170 12.37 21.27 29.25
C ASP D 170 11.60 19.99 29.50
N SER D 171 12.29 19.00 30.04
CA SER D 171 11.71 17.67 30.24
C SER D 171 10.54 17.70 31.21
N SER D 172 10.30 18.85 31.82
CA SER D 172 9.22 18.99 32.79
C SER D 172 7.88 19.27 32.13
N LEU D 173 7.92 19.82 30.90
CA LEU D 173 6.71 20.32 30.24
C LEU D 173 5.66 19.26 29.98
N ILE D 174 6.11 18.07 29.59
CA ILE D 174 5.20 16.98 29.31
C ILE D 174 4.58 16.39 30.59
N SER D 175 5.13 16.76 31.75
CA SER D 175 4.83 16.05 33.00
C SER D 175 3.33 15.84 33.30
N SER D 176 2.48 16.83 33.01
CA SER D 176 1.06 16.72 33.35
C SER D 176 0.20 16.11 32.24
N PHE D 177 0.84 15.54 31.23
CA PHE D 177 0.09 14.97 30.11
C PHE D 177 0.41 13.50 29.95
N PRO D 178 -0.29 12.64 30.72
CA PRO D 178 -0.02 11.20 30.75
C PRO D 178 -0.24 10.52 29.40
N LEU D 179 -1.26 10.91 28.65
CA LEU D 179 -1.53 10.25 27.37
C LEU D 179 -0.42 10.59 26.36
N LEU D 180 0.04 11.84 26.36
CA LEU D 180 1.15 12.25 25.49
C LEU D 180 2.41 11.45 25.82
N LYS D 181 2.66 11.23 27.12
CA LYS D 181 3.80 10.41 27.49
C LYS D 181 3.59 8.98 27.00
N ALA D 182 2.36 8.49 27.09
CA ALA D 182 2.06 7.13 26.64
C ALA D 182 2.26 7.00 25.13
N LEU D 183 1.80 7.99 24.38
CA LEU D 183 2.01 8.01 22.94
C LEU D 183 3.50 7.94 22.63
N LYS D 184 4.29 8.81 23.26
CA LYS D 184 5.73 8.89 23.00
C LYS D 184 6.38 7.52 23.16
N THR D 185 6.04 6.83 24.24
CA THR D 185 6.60 5.51 24.51
C THR D 185 6.20 4.50 23.43
N ARG D 186 4.90 4.42 23.14
CA ARG D 186 4.41 3.45 22.16
C ARG D 186 5.05 3.67 20.78
N ILE D 187 5.03 4.92 20.32
CA ILE D 187 5.53 5.19 18.97
C ILE D 187 7.04 4.93 18.94
N SER D 188 7.75 5.34 19.99
CA SER D 188 9.19 5.07 20.08
C SER D 188 9.53 3.59 20.05
N ASN D 189 8.55 2.74 20.36
CA ASN D 189 8.79 1.31 20.30
C ASN D 189 8.33 0.58 19.06
N LEU D 190 7.72 1.31 18.10
CA LEU D 190 7.54 0.75 16.77
C LEU D 190 8.93 0.38 16.25
N PRO D 191 9.08 -0.83 15.68
CA PRO D 191 10.37 -1.27 15.17
C PRO D 191 11.11 -0.21 14.35
N THR D 192 10.46 0.38 13.35
CA THR D 192 11.12 1.40 12.53
C THR D 192 11.57 2.61 13.35
N VAL D 193 10.73 3.06 14.28
CA VAL D 193 11.08 4.26 15.04
C VAL D 193 12.15 3.90 16.08
N LYS D 194 12.10 2.69 16.63
CA LYS D 194 13.15 2.23 17.56
C LYS D 194 14.52 2.22 16.89
N LYS D 195 14.57 1.74 15.65
CA LYS D 195 15.84 1.73 14.92
C LYS D 195 16.36 3.16 14.71
N PHE D 196 15.47 4.07 14.27
CA PHE D 196 15.82 5.47 14.03
C PHE D 196 16.37 6.18 15.28
N LEU D 197 15.81 5.85 16.44
CA LEU D 197 16.22 6.45 17.70
C LEU D 197 17.55 5.91 18.22
N GLN D 198 17.97 4.76 17.71
CA GLN D 198 19.25 4.19 18.11
C GLN D 198 20.42 4.83 17.36
N PRO D 199 21.62 4.80 17.97
CA PRO D 199 22.81 5.43 17.37
C PRO D 199 23.08 4.93 15.95
N GLY D 200 23.66 5.79 15.14
CA GLY D 200 24.07 5.41 13.80
C GLY D 200 22.97 5.56 12.75
N SER D 201 21.81 6.05 13.16
CA SER D 201 20.75 6.32 12.20
C SER D 201 20.96 7.71 11.60
N PRO D 202 20.09 8.11 10.64
CA PRO D 202 20.24 9.47 10.11
C PRO D 202 19.66 10.55 11.03
N ARG D 203 19.15 10.17 12.20
CA ARG D 203 18.58 11.16 13.11
C ARG D 203 19.69 12.15 13.49
N LYS D 204 19.41 13.45 13.36
CA LYS D 204 20.43 14.46 13.59
C LYS D 204 20.42 14.98 15.03
N PRO D 205 21.57 15.48 15.50
CA PRO D 205 21.70 16.03 16.85
C PRO D 205 21.11 17.43 16.94
N PRO D 206 20.82 17.87 18.16
CA PRO D 206 20.41 19.26 18.35
C PRO D 206 21.44 20.20 17.73
N MET D 207 21.00 21.39 17.35
CA MET D 207 21.91 22.31 16.73
C MET D 207 22.73 23.00 17.82
N ASP D 208 24.02 23.14 17.56
CA ASP D 208 24.90 23.92 18.44
C ASP D 208 25.36 25.17 17.68
N GLU D 209 26.13 26.03 18.33
CA GLU D 209 26.62 27.24 17.70
C GLU D 209 27.54 26.95 16.52
N LYS D 210 28.30 25.85 16.63
CA LYS D 210 29.18 25.39 15.56
C LYS D 210 28.39 25.12 14.27
N SER D 211 27.17 24.61 14.44
CA SER D 211 26.29 24.29 13.33
C SER D 211 25.55 25.53 12.81
N LEU D 212 25.18 26.41 13.73
CA LEU D 212 24.44 27.61 13.37
C LEU D 212 25.30 28.58 12.58
N GLU D 213 26.61 28.54 12.83
CA GLU D 213 27.56 29.33 12.07
C GLU D 213 27.54 28.88 10.61
N GLU D 214 27.59 27.57 10.40
CA GLU D 214 27.55 27.02 9.05
C GLU D 214 26.28 27.47 8.29
N ALA D 215 25.14 27.36 8.95
CA ALA D 215 23.85 27.75 8.35
C ALA D 215 23.80 29.22 7.92
N ARG D 216 24.28 30.12 8.77
CA ARG D 216 24.37 31.54 8.41
C ARG D 216 25.24 31.76 7.17
N LYS D 217 26.32 31.00 7.08
CA LYS D 217 27.28 31.12 5.98
C LYS D 217 26.71 30.64 4.65
N ILE D 218 26.16 29.44 4.66
CA ILE D 218 25.64 28.81 3.45
C ILE D 218 24.40 29.52 2.91
N PHE D 219 23.47 29.83 3.81
CA PHE D 219 22.19 30.41 3.41
C PHE D 219 22.16 31.92 3.63
N ARG D 220 23.32 32.47 3.99
CA ARG D 220 23.57 33.91 4.05
C ARG D 220 22.40 34.72 4.63
N PHE D 221 22.03 34.43 5.86
CA PHE D 221 20.95 35.19 6.50
C PHE D 221 21.43 36.04 7.69
#